data_2NST
#
_entry.id   2NST
#
_cell.length_a   51.012
_cell.length_b   84.840
_cell.length_c   97.163
_cell.angle_alpha   90.00
_cell.angle_beta   93.57
_cell.angle_gamma   90.00
#
_symmetry.space_group_name_H-M   'P 1 21 1'
#
loop_
_entity.id
_entity.type
_entity.pdbx_description
1 polymer 'Pectinesterase A'
2 branched 'alpha-D-galactopyranuronic acid-(1-4)-alpha-D-galactopyranuronic acid-(1-4)-methyl alpha-D-galactopyranuronate-(1-4)-methyl alpha-D-galactopyranuronate-(1-4)-methyl alpha-D-galactopyranuronate-(1-4)-alpha-D-galactopyranuronic acid'
3 water water
#
_entity_poly.entity_id   1
_entity_poly.type   'polypeptide(L)'
_entity_poly.pdbx_seq_one_letter_code
;ATTYNAVVSKSSSDGKTFKTIADAIASAPAGSTPFVILIKNGVYNERLTITRNNLHLKGESRNGAVIAAATAAGTLKSDG
SKWGTAGSSTITISAKDFSAQSLTIRNDFDFPANQAKSDSDSSKIKDTQAVALYVTKSGDRAYFKDVSLVGYQATLYVSG
GRSFFSDCRISGTVDFIFGDGTALFNNCDLVSRYRADVKSGNVSGYLTAPSTNINQKYGLVITNSRVIRESDSVPAKSYG
LGRPWHPTTTFSDGRYADPNAIGQTVFLNTSMDNHIYGWDKMSGKDKNGNTIWFNPEDSRFFEYKSYGAGATVSKDRRQL
TDAQAAEYTQSKVLGDWTPTLP
;
_entity_poly.pdbx_strand_id   A,B
#
loop_
_chem_comp.id
_chem_comp.type
_chem_comp.name
_chem_comp.formula
ADA D-saccharide, alpha linking 'alpha-D-galactopyranuronic acid' 'C6 H10 O7'
M8C D-saccharide, alpha linking 'methyl alpha-D-galactopyranuronate' 'C7 H12 O7'
#
# COMPACT_ATOMS: atom_id res chain seq x y z
N ALA A 1 3.95 33.69 20.60
CA ALA A 1 4.13 35.11 20.14
C ALA A 1 4.35 35.19 18.64
N THR A 2 3.38 35.77 17.94
CA THR A 2 3.46 35.98 16.50
C THR A 2 3.10 37.41 16.12
N THR A 3 4.10 38.14 15.62
CA THR A 3 3.94 39.55 15.24
C THR A 3 4.36 39.79 13.79
N TYR A 4 3.69 40.75 13.13
CA TYR A 4 3.93 41.03 11.71
C TYR A 4 4.64 42.36 11.47
N ASN A 5 5.68 42.32 10.66
CA ASN A 5 6.44 43.51 10.29
C ASN A 5 5.71 44.36 9.26
N ALA A 6 4.90 43.71 8.42
CA ALA A 6 4.08 44.38 7.43
C ALA A 6 2.79 43.60 7.16
N VAL A 7 1.76 44.30 6.73
CA VAL A 7 0.48 43.67 6.36
C VAL A 7 0.09 44.10 4.94
N VAL A 8 -0.30 43.12 4.13
CA VAL A 8 -0.84 43.38 2.79
C VAL A 8 -2.35 43.18 2.82
N SER A 9 -3.08 44.13 2.23
CA SER A 9 -4.53 44.08 2.22
C SER A 9 -5.09 44.68 0.93
N LYS A 10 -6.23 44.15 0.49
CA LYS A 10 -6.96 44.69 -0.65
C LYS A 10 -7.78 45.91 -0.26
N SER A 11 -8.12 45.99 1.03
CA SER A 11 -8.95 47.07 1.56
C SER A 11 -8.10 48.16 2.20
N SER A 12 -8.36 49.41 1.81
CA SER A 12 -7.73 50.57 2.44
C SER A 12 -8.42 50.90 3.77
N SER A 13 -9.68 50.46 3.89
CA SER A 13 -10.47 50.62 5.10
C SER A 13 -10.07 49.63 6.20
N ASP A 14 -9.22 48.67 5.85
CA ASP A 14 -8.75 47.65 6.77
C ASP A 14 -7.83 48.22 7.85
N GLY A 15 -6.84 49.01 7.43
CA GLY A 15 -5.89 49.63 8.35
C GLY A 15 -4.66 50.21 7.68
N LYS A 16 -3.54 50.17 8.40
CA LYS A 16 -2.26 50.68 7.90
C LYS A 16 -1.49 49.61 7.11
N THR A 17 -1.91 49.41 5.86
CA THR A 17 -1.46 48.26 5.07
C THR A 17 -0.88 48.61 3.70
N PHE A 18 -0.10 47.67 3.15
CA PHE A 18 0.41 47.76 1.78
C PHE A 18 -0.61 47.20 0.80
N LYS A 19 -0.66 47.78 -0.40
CA LYS A 19 -1.61 47.33 -1.43
C LYS A 19 -1.09 46.12 -2.21
N THR A 20 0.23 46.06 -2.38
CA THR A 20 0.85 44.94 -3.10
C THR A 20 1.88 44.21 -2.23
N ILE A 21 2.01 42.90 -2.48
CA ILE A 21 3.00 42.08 -1.78
C ILE A 21 4.42 42.52 -2.10
N ALA A 22 4.68 42.85 -3.37
CA ALA A 22 5.98 43.38 -3.79
C ALA A 22 6.41 44.61 -2.99
N ASP A 23 5.46 45.54 -2.75
CA ASP A 23 5.74 46.73 -1.95
C ASP A 23 6.09 46.40 -0.50
N ALA A 24 5.34 45.47 0.10
CA ALA A 24 5.59 45.03 1.48
C ALA A 24 6.97 44.38 1.62
N ILE A 25 7.31 43.52 0.66
CA ILE A 25 8.62 42.87 0.62
C ILE A 25 9.75 43.89 0.50
N ALA A 26 9.56 44.85 -0.39
CA ALA A 26 10.55 45.90 -0.63
C ALA A 26 10.80 46.80 0.59
N SER A 27 9.76 46.99 1.41
CA SER A 27 9.81 47.85 2.59
C SER A 27 10.68 47.30 3.72
N ALA A 28 11.08 46.02 3.60
CA ALA A 28 11.92 45.36 4.59
C ALA A 28 13.30 46.00 4.64
N PRO A 29 13.82 46.30 5.86
CA PRO A 29 15.16 46.86 5.97
C PRO A 29 16.20 45.91 5.38
N ALA A 30 17.28 46.47 4.82
CA ALA A 30 18.38 45.66 4.32
C ALA A 30 19.00 44.84 5.44
N GLY A 31 19.27 43.56 5.19
CA GLY A 31 19.87 42.68 6.19
C GLY A 31 19.26 41.30 6.25
N SER A 32 19.37 40.66 7.42
CA SER A 32 18.98 39.26 7.57
C SER A 32 18.21 38.94 8.85
N THR A 33 17.75 39.98 9.54
CA THR A 33 16.79 39.83 10.62
C THR A 33 15.46 39.34 10.05
N PRO A 34 14.70 38.53 10.82
CA PRO A 34 13.42 38.03 10.31
C PRO A 34 12.45 39.15 9.92
N PHE A 35 11.82 39.00 8.76
CA PHE A 35 10.79 39.92 8.31
C PHE A 35 9.55 39.12 7.90
N VAL A 36 8.45 39.35 8.61
CA VAL A 36 7.24 38.55 8.46
C VAL A 36 6.11 39.42 7.92
N ILE A 37 5.53 38.99 6.80
CA ILE A 37 4.46 39.73 6.14
C ILE A 37 3.16 38.94 6.16
N LEU A 38 2.11 39.54 6.73
CA LEU A 38 0.78 38.97 6.67
C LEU A 38 0.12 39.43 5.38
N ILE A 39 -0.47 38.48 4.67
CA ILE A 39 -1.21 38.77 3.44
C ILE A 39 -2.69 38.40 3.64
N LYS A 40 -3.55 39.41 3.70
CA LYS A 40 -5.00 39.20 3.84
C LYS A 40 -5.61 38.61 2.57
N ASN A 41 -6.76 37.94 2.71
CA ASN A 41 -7.44 37.30 1.59
C ASN A 41 -7.61 38.20 0.37
N GLY A 42 -7.36 37.62 -0.80
CA GLY A 42 -7.43 38.36 -2.05
C GLY A 42 -6.56 37.70 -3.11
N VAL A 43 -6.80 38.06 -4.36
CA VAL A 43 -6.01 37.58 -5.47
C VAL A 43 -5.05 38.69 -5.86
N TYR A 44 -3.77 38.45 -5.62
CA TYR A 44 -2.72 39.42 -5.91
C TYR A 44 -2.04 39.03 -7.22
N ASN A 45 -2.32 39.81 -8.26
CA ASN A 45 -1.78 39.58 -9.59
C ASN A 45 -0.36 40.15 -9.67
N GLU A 46 0.58 39.38 -9.15
CA GLU A 46 1.96 39.82 -9.02
C GLU A 46 2.94 38.71 -9.35
N ARG A 47 4.10 39.12 -9.84
CA ARG A 47 5.25 38.24 -9.94
C ARG A 47 6.30 38.75 -8.97
N LEU A 48 6.89 37.82 -8.21
CA LEU A 48 7.79 38.18 -7.12
C LEU A 48 9.13 37.47 -7.24
N THR A 49 10.20 38.20 -6.92
CA THR A 49 11.52 37.60 -6.79
C THR A 49 12.04 37.96 -5.40
N ILE A 50 12.37 36.93 -4.62
CA ILE A 50 12.81 37.09 -3.24
C ILE A 50 14.33 36.99 -3.16
N THR A 51 14.98 38.08 -2.75
CA THR A 51 16.44 38.11 -2.69
C THR A 51 16.93 38.44 -1.28
N ARG A 52 15.99 38.70 -0.37
CA ARG A 52 16.32 39.00 1.02
C ARG A 52 16.20 37.74 1.87
N ASN A 53 17.29 37.41 2.56
CA ASN A 53 17.33 36.28 3.50
C ASN A 53 16.35 36.46 4.66
N ASN A 54 15.83 35.35 5.18
CA ASN A 54 14.99 35.35 6.38
C ASN A 54 13.68 36.13 6.20
N LEU A 55 13.12 36.04 5.00
CA LEU A 55 11.82 36.65 4.70
C LEU A 55 10.73 35.58 4.78
N HIS A 56 9.57 35.98 5.31
CA HIS A 56 8.49 35.06 5.62
C HIS A 56 7.13 35.65 5.27
N LEU A 57 6.38 34.91 4.47
CA LEU A 57 5.03 35.30 4.08
C LEU A 57 4.02 34.39 4.75
N LYS A 58 2.96 35.00 5.27
CA LYS A 58 1.86 34.26 5.88
C LYS A 58 0.54 34.77 5.33
N GLY A 59 -0.16 33.91 4.59
CA GLY A 59 -1.48 34.26 4.07
C GLY A 59 -2.55 34.10 5.14
N GLU A 60 -3.65 34.84 4.99
CA GLU A 60 -4.79 34.73 5.91
C GLU A 60 -5.37 33.32 5.89
N SER A 61 -5.45 32.73 4.70
CA SER A 61 -5.95 31.38 4.50
C SER A 61 -5.38 30.87 3.18
N ARG A 62 -5.11 29.56 3.10
CA ARG A 62 -4.67 28.96 1.85
C ARG A 62 -5.73 29.14 0.77
N ASN A 63 -7.00 28.97 1.16
CA ASN A 63 -8.12 29.08 0.21
C ASN A 63 -8.28 30.48 -0.38
N GLY A 64 -8.00 31.51 0.43
CA GLY A 64 -8.32 32.90 0.10
C GLY A 64 -7.19 33.85 -0.22
N ALA A 65 -5.96 33.51 0.19
CA ALA A 65 -4.79 34.34 -0.09
C ALA A 65 -4.02 33.75 -1.27
N VAL A 66 -4.15 34.40 -2.43
CA VAL A 66 -3.64 33.88 -3.70
C VAL A 66 -2.66 34.85 -4.34
N ILE A 67 -1.51 34.33 -4.75
CA ILE A 67 -0.54 35.06 -5.56
C ILE A 67 -0.52 34.41 -6.93
N ALA A 68 -0.84 35.18 -7.96
CA ALA A 68 -1.07 34.60 -9.28
C ALA A 68 -0.60 35.48 -10.42
N ALA A 69 -0.02 34.85 -11.44
CA ALA A 69 0.31 35.50 -12.70
C ALA A 69 0.34 34.46 -13.82
N ALA A 70 0.10 34.90 -15.04
CA ALA A 70 0.08 34.00 -16.20
C ALA A 70 1.29 34.22 -17.10
N THR A 71 2.24 33.27 -17.07
CA THR A 71 3.44 33.38 -17.88
C THR A 71 3.93 31.99 -18.29
N ALA A 72 4.02 31.75 -19.59
CA ALA A 72 4.63 30.52 -20.09
C ALA A 72 6.08 30.78 -20.51
N ALA A 73 6.85 29.70 -20.62
CA ALA A 73 8.22 29.78 -21.13
C ALA A 73 8.23 30.46 -22.49
N GLY A 74 7.22 30.17 -23.30
CA GLY A 74 7.09 30.71 -24.66
C GLY A 74 6.46 32.09 -24.76
N THR A 75 6.00 32.63 -23.63
CA THR A 75 5.49 34.00 -23.59
C THR A 75 6.63 34.96 -23.93
N LEU A 76 6.36 35.90 -24.83
CA LEU A 76 7.39 36.85 -25.27
C LEU A 76 7.44 38.09 -24.39
N LYS A 77 8.66 38.55 -24.11
CA LYS A 77 8.91 39.81 -23.41
C LYS A 77 8.78 40.98 -24.39
N SER A 78 9.10 42.18 -23.89
CA SER A 78 9.07 43.42 -24.69
C SER A 78 10.01 43.36 -25.89
N ASP A 79 11.21 42.81 -25.69
CA ASP A 79 12.22 42.71 -26.74
C ASP A 79 11.97 41.57 -27.74
N GLY A 80 10.89 40.83 -27.52
CA GLY A 80 10.52 39.73 -28.41
C GLY A 80 11.15 38.40 -28.07
N SER A 81 11.92 38.35 -26.98
CA SER A 81 12.54 37.11 -26.53
C SER A 81 11.65 36.40 -25.50
N LYS A 82 11.77 35.08 -25.44
CA LYS A 82 10.96 34.24 -24.56
C LYS A 82 11.39 34.38 -23.11
N TRP A 83 10.43 34.29 -22.20
CA TRP A 83 10.72 34.27 -20.77
C TRP A 83 11.56 33.06 -20.38
N GLY A 84 11.27 31.92 -21.01
CA GLY A 84 11.93 30.65 -20.67
C GLY A 84 11.32 30.02 -19.43
N THR A 85 11.70 28.79 -19.14
CA THR A 85 11.13 28.05 -17.99
C THR A 85 11.39 28.73 -16.65
N ALA A 86 12.67 28.96 -16.30
CA ALA A 86 13.00 29.68 -15.07
C ALA A 86 12.30 31.04 -15.00
N GLY A 87 12.36 31.78 -16.11
CA GLY A 87 11.78 33.11 -16.20
C GLY A 87 10.26 33.20 -16.15
N SER A 88 9.58 32.06 -16.34
CA SER A 88 8.13 32.02 -16.34
C SER A 88 7.51 32.02 -14.94
N SER A 89 8.36 31.86 -13.92
CA SER A 89 7.88 31.60 -12.56
C SER A 89 7.12 32.78 -11.96
N THR A 90 5.99 32.47 -11.32
CA THR A 90 5.22 33.48 -10.60
C THR A 90 6.02 33.98 -9.38
N ILE A 91 6.56 33.04 -8.60
CA ILE A 91 7.42 33.40 -7.47
C ILE A 91 8.77 32.71 -7.62
N THR A 92 9.83 33.51 -7.48
CA THR A 92 11.21 33.01 -7.55
C THR A 92 11.85 33.25 -6.19
N ILE A 93 12.36 32.19 -5.57
CA ILE A 93 13.07 32.30 -4.28
C ILE A 93 14.57 32.20 -4.53
N SER A 94 15.26 33.32 -4.33
CA SER A 94 16.71 33.40 -4.52
C SER A 94 17.35 33.95 -3.24
N ALA A 95 16.83 33.48 -2.11
CA ALA A 95 17.33 33.87 -0.79
C ALA A 95 17.21 32.69 0.15
N LYS A 96 17.91 32.78 1.28
CA LYS A 96 17.94 31.69 2.26
C LYS A 96 16.90 31.91 3.34
N ASP A 97 16.46 30.80 3.93
CA ASP A 97 15.54 30.81 5.07
C ASP A 97 14.22 31.52 4.79
N PHE A 98 13.71 31.33 3.57
CA PHE A 98 12.38 31.79 3.19
C PHE A 98 11.35 30.83 3.74
N SER A 99 10.21 31.36 4.16
CA SER A 99 9.02 30.53 4.39
C SER A 99 7.77 31.19 3.85
N ALA A 100 6.84 30.35 3.39
CA ALA A 100 5.49 30.77 3.03
C ALA A 100 4.51 29.85 3.74
N GLN A 101 3.46 30.44 4.30
CA GLN A 101 2.44 29.65 5.00
C GLN A 101 1.04 30.12 4.61
N SER A 102 0.12 29.16 4.48
CA SER A 102 -1.32 29.42 4.31
C SER A 102 -1.60 30.35 3.12
N LEU A 103 -1.08 30.00 1.96
CA LEU A 103 -1.36 30.76 0.75
C LEU A 103 -1.29 29.89 -0.50
N THR A 104 -1.89 30.38 -1.59
CA THR A 104 -1.87 29.70 -2.87
C THR A 104 -0.99 30.51 -3.83
N ILE A 105 -0.14 29.80 -4.58
CA ILE A 105 0.70 30.40 -5.62
C ILE A 105 0.34 29.74 -6.95
N ARG A 106 -0.06 30.54 -7.93
CA ARG A 106 -0.49 29.99 -9.22
C ARG A 106 0.29 30.56 -10.39
N ASN A 107 0.52 29.71 -11.39
CA ASN A 107 0.76 30.21 -12.73
C ASN A 107 -0.53 29.99 -13.52
N ASP A 108 -1.13 31.10 -13.97
CA ASP A 108 -2.44 31.06 -14.61
C ASP A 108 -2.39 30.89 -16.13
N PHE A 109 -1.22 30.55 -16.66
CA PHE A 109 -1.13 30.20 -18.08
C PHE A 109 -2.17 29.12 -18.37
N ASP A 110 -3.06 29.43 -19.29
CA ASP A 110 -4.17 28.54 -19.60
C ASP A 110 -3.71 27.47 -20.60
N PHE A 111 -3.05 26.45 -20.08
CA PHE A 111 -2.55 25.37 -20.91
C PHE A 111 -3.64 24.72 -21.79
N PRO A 112 -4.78 24.30 -21.20
CA PRO A 112 -5.80 23.70 -22.06
C PRO A 112 -6.30 24.62 -23.18
N ALA A 113 -6.50 25.91 -22.88
CA ALA A 113 -6.93 26.86 -23.91
C ALA A 113 -5.87 26.98 -25.01
N ASN A 114 -4.60 27.01 -24.60
CA ASN A 114 -3.49 27.05 -25.54
C ASN A 114 -3.49 25.84 -26.49
N GLN A 115 -3.64 24.64 -25.92
CA GLN A 115 -3.63 23.41 -26.71
C GLN A 115 -4.81 23.32 -27.66
N ALA A 116 -5.93 23.92 -27.27
CA ALA A 116 -7.15 23.92 -28.09
C ALA A 116 -7.06 24.87 -29.28
N LYS A 117 -6.12 25.81 -29.24
CA LYS A 117 -5.90 26.74 -30.36
C LYS A 117 -5.54 25.98 -31.64
N SER A 118 -5.95 26.52 -32.78
CA SER A 118 -5.62 25.93 -34.07
C SER A 118 -4.10 25.96 -34.28
N ASP A 119 -3.58 24.95 -34.96
CA ASP A 119 -2.13 24.84 -35.19
C ASP A 119 -1.54 26.04 -35.93
N SER A 120 -2.34 26.68 -36.79
CA SER A 120 -1.88 27.85 -37.54
C SER A 120 -1.95 29.16 -36.75
N ASP A 121 -2.56 29.12 -35.56
CA ASP A 121 -2.66 30.29 -34.68
C ASP A 121 -1.28 30.70 -34.17
N SER A 122 -0.82 31.88 -34.58
CA SER A 122 0.51 32.35 -34.22
C SER A 122 0.67 32.61 -32.72
N SER A 123 -0.46 32.69 -32.00
CA SER A 123 -0.46 32.88 -30.55
C SER A 123 -0.38 31.56 -29.79
N LYS A 124 -0.45 30.44 -30.51
CA LYS A 124 -0.30 29.13 -29.88
C LYS A 124 1.16 28.89 -29.48
N ILE A 125 1.37 28.75 -28.17
CA ILE A 125 2.71 28.59 -27.60
C ILE A 125 3.13 27.12 -27.59
N LYS A 126 4.39 26.85 -28.00
CA LYS A 126 4.95 25.51 -27.96
C LYS A 126 5.70 25.24 -26.65
N ASP A 127 6.36 26.27 -26.11
CA ASP A 127 7.09 26.15 -24.85
C ASP A 127 6.12 26.39 -23.71
N THR A 128 5.41 25.32 -23.36
CA THR A 128 4.22 25.40 -22.51
C THR A 128 4.49 25.28 -21.01
N GLN A 129 5.77 25.22 -20.63
CA GLN A 129 6.15 25.24 -19.21
C GLN A 129 5.67 26.56 -18.63
N ALA A 130 5.08 26.50 -17.43
CA ALA A 130 4.59 27.70 -16.78
C ALA A 130 4.68 27.50 -15.28
N VAL A 131 5.82 27.91 -14.72
CA VAL A 131 6.19 27.66 -13.33
C VAL A 131 5.43 28.53 -12.33
N ALA A 132 4.87 27.90 -11.30
CA ALA A 132 4.23 28.64 -10.21
C ALA A 132 5.27 29.11 -9.19
N LEU A 133 6.12 28.20 -8.77
CA LEU A 133 7.14 28.47 -7.76
C LEU A 133 8.49 27.90 -8.18
N TYR A 134 9.53 28.71 -8.05
CA TYR A 134 10.89 28.35 -8.44
C TYR A 134 11.83 28.66 -7.29
N VAL A 135 12.46 27.61 -6.75
CA VAL A 135 13.52 27.80 -5.76
C VAL A 135 14.85 27.63 -6.49
N THR A 136 15.64 28.70 -6.53
CA THR A 136 16.87 28.73 -7.32
C THR A 136 18.05 28.13 -6.55
N LYS A 137 19.21 28.08 -7.18
CA LYS A 137 20.44 27.60 -6.54
C LYS A 137 20.79 28.40 -5.28
N SER A 138 20.22 29.61 -5.17
CA SER A 138 20.47 30.53 -4.06
C SER A 138 19.46 30.48 -2.91
N GLY A 139 18.53 29.53 -2.96
CA GLY A 139 17.36 29.55 -2.07
C GLY A 139 17.27 28.51 -0.96
N ASP A 140 18.41 28.12 -0.41
CA ASP A 140 18.51 27.02 0.57
C ASP A 140 17.62 27.25 1.79
N ARG A 141 17.10 26.15 2.34
CA ARG A 141 16.26 26.15 3.54
C ARG A 141 14.96 26.92 3.33
N ALA A 142 14.23 26.53 2.28
CA ALA A 142 12.94 27.13 1.92
C ALA A 142 11.80 26.25 2.41
N TYR A 143 10.90 26.84 3.20
CA TYR A 143 9.86 26.09 3.91
C TYR A 143 8.46 26.55 3.49
N PHE A 144 7.65 25.61 3.03
CA PHE A 144 6.29 25.90 2.58
C PHE A 144 5.31 25.04 3.36
N LYS A 145 4.49 25.68 4.19
CA LYS A 145 3.53 24.95 5.02
C LYS A 145 2.10 25.38 4.71
N ASP A 146 1.23 24.41 4.46
CA ASP A 146 -0.16 24.70 4.11
C ASP A 146 -0.22 25.68 2.91
N VAL A 147 0.50 25.31 1.86
CA VAL A 147 0.59 26.12 0.64
C VAL A 147 0.02 25.28 -0.50
N SER A 148 -0.66 25.96 -1.43
CA SER A 148 -1.16 25.32 -2.65
C SER A 148 -0.38 25.87 -3.83
N LEU A 149 0.13 24.97 -4.68
CA LEU A 149 0.85 25.38 -5.89
C LEU A 149 0.06 24.91 -7.10
N VAL A 150 -0.28 25.84 -7.97
CA VAL A 150 -1.17 25.56 -9.09
C VAL A 150 -0.49 25.77 -10.44
N GLY A 151 -0.57 24.77 -11.31
CA GLY A 151 -0.11 24.91 -12.69
C GLY A 151 -0.50 23.70 -13.50
N TYR A 152 0.02 23.64 -14.73
CA TYR A 152 -0.10 22.45 -15.56
C TYR A 152 1.30 21.88 -15.77
N GLN A 153 1.99 22.29 -16.83
CA GLN A 153 3.36 21.83 -17.04
C GLN A 153 4.34 22.61 -16.17
N ALA A 154 5.19 21.87 -15.46
CA ALA A 154 6.33 22.46 -14.73
C ALA A 154 5.94 23.38 -13.56
N THR A 155 4.90 22.99 -12.83
CA THR A 155 4.40 23.80 -11.71
C THR A 155 5.46 24.21 -10.68
N LEU A 156 6.25 23.25 -10.22
CA LEU A 156 7.23 23.47 -9.16
C LEU A 156 8.65 23.14 -9.60
N TYR A 157 9.49 24.17 -9.62
CA TYR A 157 10.89 24.06 -10.03
C TYR A 157 11.73 24.18 -8.77
N VAL A 158 12.27 23.05 -8.31
CA VAL A 158 13.12 23.03 -7.11
C VAL A 158 14.58 22.76 -7.50
N SER A 159 15.42 23.79 -7.35
CA SER A 159 16.84 23.69 -7.70
C SER A 159 17.77 23.99 -6.52
N GLY A 160 19.01 23.52 -6.59
CA GLY A 160 20.03 23.85 -5.59
C GLY A 160 19.86 23.16 -4.24
N GLY A 161 19.51 23.93 -3.22
CA GLY A 161 19.53 23.45 -1.84
C GLY A 161 18.30 22.70 -1.37
N ARG A 162 18.00 22.84 -0.08
CA ARG A 162 16.92 22.09 0.55
C ARG A 162 15.63 22.87 0.64
N SER A 163 14.52 22.21 0.31
CA SER A 163 13.20 22.78 0.50
C SER A 163 12.30 21.74 1.16
N PHE A 164 11.37 22.21 1.96
CA PHE A 164 10.44 21.31 2.65
C PHE A 164 9.03 21.82 2.41
N PHE A 165 8.17 20.91 1.97
CA PHE A 165 6.76 21.20 1.69
C PHE A 165 5.92 20.31 2.60
N SER A 166 5.02 20.94 3.35
CA SER A 166 4.28 20.27 4.41
C SER A 166 2.82 20.68 4.33
N ASP A 167 1.92 19.69 4.39
CA ASP A 167 0.47 19.93 4.36
C ASP A 167 0.10 20.73 3.11
N CYS A 168 0.67 20.31 1.99
CA CYS A 168 0.59 21.10 0.77
C CYS A 168 -0.31 20.47 -0.29
N ARG A 169 -0.73 21.29 -1.25
CA ARG A 169 -1.38 20.81 -2.47
C ARG A 169 -0.55 21.27 -3.66
N ILE A 170 -0.24 20.34 -4.56
CA ILE A 170 0.49 20.69 -5.78
C ILE A 170 -0.21 20.01 -6.96
N SER A 171 -0.61 20.80 -7.95
CA SER A 171 -1.30 20.28 -9.12
C SER A 171 -0.49 20.51 -10.38
N GLY A 172 -0.70 19.64 -11.37
CA GLY A 172 -0.06 19.79 -12.66
C GLY A 172 -0.26 18.61 -13.57
N THR A 173 0.46 18.64 -14.69
CA THR A 173 0.38 17.61 -15.70
C THR A 173 1.77 17.02 -15.95
N VAL A 174 2.59 17.74 -16.72
CA VAL A 174 3.86 17.24 -17.18
C VAL A 174 5.00 17.80 -16.32
N ASP A 175 5.77 16.90 -15.72
CA ASP A 175 6.98 17.23 -14.98
C ASP A 175 6.70 18.32 -13.93
N PHE A 176 5.63 18.15 -13.15
CA PHE A 176 5.15 19.27 -12.31
C PHE A 176 5.89 19.49 -10.99
N ILE A 177 6.76 18.55 -10.64
CA ILE A 177 7.79 18.79 -9.64
C ILE A 177 9.08 18.38 -10.33
N PHE A 178 9.97 19.34 -10.54
CA PHE A 178 11.18 19.05 -11.31
C PHE A 178 12.38 19.86 -10.82
N GLY A 179 13.57 19.38 -11.15
CA GLY A 179 14.81 20.08 -10.77
C GLY A 179 15.75 19.23 -9.96
N ASP A 180 16.87 19.84 -9.56
CA ASP A 180 17.99 19.11 -8.96
C ASP A 180 18.16 19.36 -7.46
N GLY A 181 17.18 20.04 -6.87
CA GLY A 181 17.21 20.33 -5.44
C GLY A 181 16.91 19.12 -4.57
N THR A 182 17.17 19.28 -3.28
CA THR A 182 16.71 18.33 -2.29
C THR A 182 15.38 18.86 -1.80
N ALA A 183 14.29 18.20 -2.20
CA ALA A 183 12.97 18.66 -1.83
C ALA A 183 12.20 17.54 -1.18
N LEU A 184 11.78 17.79 0.06
CA LEU A 184 11.03 16.82 0.85
C LEU A 184 9.58 17.29 0.95
N PHE A 185 8.65 16.37 0.70
CA PHE A 185 7.22 16.66 0.72
C PHE A 185 6.58 15.73 1.72
N ASN A 186 5.93 16.29 2.72
CA ASN A 186 5.22 15.48 3.70
C ASN A 186 3.76 15.88 3.86
N ASN A 187 2.88 14.89 3.87
CA ASN A 187 1.43 15.12 3.98
C ASN A 187 0.90 16.08 2.90
N CYS A 188 1.34 15.88 1.67
CA CYS A 188 0.90 16.69 0.53
C CYS A 188 -0.06 15.93 -0.37
N ASP A 189 -0.96 16.67 -1.03
CA ASP A 189 -1.79 16.12 -2.08
C ASP A 189 -1.17 16.52 -3.41
N LEU A 190 -0.74 15.52 -4.17
CA LEU A 190 -0.16 15.76 -5.49
C LEU A 190 -1.21 15.40 -6.53
N VAL A 191 -1.70 16.43 -7.22
CA VAL A 191 -2.90 16.31 -8.06
C VAL A 191 -2.59 16.29 -9.55
N SER A 192 -2.84 15.15 -10.18
CA SER A 192 -2.63 14.97 -11.63
C SER A 192 -3.86 15.45 -12.40
N ARG A 193 -3.64 16.36 -13.34
CA ARG A 193 -4.74 17.07 -13.98
C ARG A 193 -5.17 16.46 -15.30
N TYR A 194 -6.43 16.70 -15.64
CA TYR A 194 -7.00 16.18 -16.87
C TYR A 194 -6.44 16.91 -18.07
N ARG A 195 -6.11 16.14 -19.10
CA ARG A 195 -5.64 16.72 -20.36
C ARG A 195 -6.56 16.36 -21.52
N ALA A 196 -7.31 17.35 -21.97
CA ALA A 196 -8.26 17.18 -23.05
C ALA A 196 -7.57 16.97 -24.39
N ASP A 197 -6.29 17.32 -24.44
CA ASP A 197 -5.53 17.30 -25.69
C ASP A 197 -4.76 15.99 -25.92
N VAL A 198 -4.95 15.03 -25.01
CA VAL A 198 -4.24 13.75 -25.08
C VAL A 198 -5.18 12.64 -25.53
N LYS A 199 -4.78 11.93 -26.59
CA LYS A 199 -5.58 10.82 -27.16
C LYS A 199 -5.73 9.66 -26.19
N SER A 200 -6.86 8.94 -26.32
CA SER A 200 -7.27 7.88 -25.41
C SER A 200 -6.17 7.07 -24.71
N GLY A 201 -5.30 6.45 -25.49
CA GLY A 201 -4.28 5.55 -24.94
C GLY A 201 -2.86 6.11 -24.81
N ASN A 202 -2.74 7.43 -24.79
CA ASN A 202 -1.44 8.08 -24.61
C ASN A 202 -1.24 8.61 -23.18
N VAL A 203 0.00 8.92 -22.82
CA VAL A 203 0.32 9.41 -21.47
C VAL A 203 -0.09 10.88 -21.31
N SER A 204 -0.67 11.22 -20.15
CA SER A 204 -1.05 12.61 -19.84
C SER A 204 0.08 13.40 -19.16
N GLY A 205 0.82 12.76 -18.27
CA GLY A 205 1.90 13.47 -17.58
C GLY A 205 2.76 12.64 -16.66
N TYR A 206 3.58 13.35 -15.89
CA TYR A 206 4.56 12.77 -14.97
C TYR A 206 4.62 13.67 -13.75
N LEU A 207 4.50 13.08 -12.56
CA LEU A 207 4.55 13.87 -11.33
C LEU A 207 5.90 14.55 -11.14
N THR A 208 6.97 13.81 -11.40
CA THR A 208 8.30 14.34 -11.16
C THR A 208 9.23 14.21 -12.35
N ALA A 209 10.15 15.16 -12.47
CA ALA A 209 11.25 15.08 -13.42
C ALA A 209 12.51 15.55 -12.72
N PRO A 210 13.09 14.67 -11.87
CA PRO A 210 14.28 15.05 -11.10
C PRO A 210 15.50 15.10 -12.00
N SER A 211 16.37 16.07 -11.73
CA SER A 211 17.65 16.23 -12.42
C SER A 211 18.80 16.16 -11.39
N THR A 212 18.52 15.53 -10.26
CA THR A 212 19.48 15.39 -9.16
C THR A 212 20.83 14.92 -9.66
N ASN A 213 21.88 15.65 -9.32
CA ASN A 213 23.23 15.23 -9.64
C ASN A 213 23.53 13.91 -8.94
N ILE A 214 24.21 13.00 -9.64
CA ILE A 214 24.50 11.66 -9.11
C ILE A 214 25.24 11.67 -7.75
N ASN A 215 26.03 12.70 -7.49
CA ASN A 215 26.80 12.80 -6.23
C ASN A 215 26.01 13.42 -5.07
N GLN A 216 24.80 13.88 -5.36
CA GLN A 216 23.91 14.43 -4.36
C GLN A 216 23.03 13.31 -3.77
N LYS A 217 23.09 13.19 -2.45
CA LYS A 217 22.44 12.08 -1.73
C LYS A 217 20.92 12.06 -1.90
N TYR A 218 20.27 13.22 -1.81
CA TYR A 218 18.81 13.27 -1.87
C TYR A 218 18.28 14.23 -2.94
N GLY A 219 17.27 13.76 -3.67
CA GLY A 219 16.58 14.59 -4.66
C GLY A 219 15.18 14.87 -4.18
N LEU A 220 14.19 14.34 -4.90
CA LEU A 220 12.78 14.54 -4.55
C LEU A 220 12.31 13.40 -3.66
N VAL A 221 11.89 13.73 -2.44
CA VAL A 221 11.45 12.73 -1.48
C VAL A 221 10.02 13.04 -1.04
N ILE A 222 9.11 12.12 -1.33
CA ILE A 222 7.70 12.32 -1.04
C ILE A 222 7.26 11.32 0.03
N THR A 223 6.81 11.83 1.17
CA THR A 223 6.46 10.99 2.33
C THR A 223 5.04 11.25 2.80
N ASN A 224 4.34 10.17 3.19
CA ASN A 224 3.04 10.27 3.85
C ASN A 224 2.07 11.16 3.07
N SER A 225 2.09 11.03 1.75
CA SER A 225 1.32 11.91 0.89
C SER A 225 0.23 11.16 0.13
N ARG A 226 -0.47 11.89 -0.74
CA ARG A 226 -1.56 11.33 -1.51
C ARG A 226 -1.40 11.76 -2.96
N VAL A 227 -1.22 10.77 -3.83
CA VAL A 227 -1.10 10.98 -5.27
C VAL A 227 -2.47 10.73 -5.86
N ILE A 228 -3.14 11.83 -6.25
CA ILE A 228 -4.55 11.79 -6.60
C ILE A 228 -4.85 12.34 -7.99
N ARG A 229 -5.93 11.84 -8.58
CA ARG A 229 -6.40 12.34 -9.86
C ARG A 229 -7.33 13.52 -9.62
N GLU A 230 -7.25 14.50 -10.52
CA GLU A 230 -8.06 15.71 -10.45
C GLU A 230 -9.56 15.40 -10.62
N SER A 231 -9.86 14.43 -11.47
CA SER A 231 -11.23 14.07 -11.79
C SER A 231 -11.25 12.63 -12.29
N ASP A 232 -12.45 12.05 -12.35
CA ASP A 232 -12.62 10.70 -12.86
C ASP A 232 -12.35 10.59 -14.36
N SER A 233 -12.19 11.73 -15.02
CA SER A 233 -11.86 11.77 -16.44
C SER A 233 -10.37 11.56 -16.69
N VAL A 234 -9.57 11.68 -15.63
CA VAL A 234 -8.16 11.33 -15.71
C VAL A 234 -8.07 9.79 -15.82
N PRO A 235 -7.62 9.29 -16.98
CA PRO A 235 -7.69 7.84 -17.22
C PRO A 235 -6.79 7.00 -16.31
N ALA A 236 -7.15 5.73 -16.15
CA ALA A 236 -6.24 4.78 -15.50
C ALA A 236 -4.95 4.71 -16.31
N LYS A 237 -3.82 4.58 -15.60
CA LYS A 237 -2.50 4.38 -16.22
C LYS A 237 -2.13 5.49 -17.21
N SER A 238 -2.38 6.73 -16.81
CA SER A 238 -2.13 7.90 -17.68
C SER A 238 -0.97 8.76 -17.17
N TYR A 239 -0.55 8.48 -15.94
CA TYR A 239 0.48 9.28 -15.28
C TYR A 239 1.65 8.46 -14.77
N GLY A 240 2.85 8.95 -15.03
CA GLY A 240 4.06 8.37 -14.47
C GLY A 240 4.45 9.04 -13.18
N LEU A 241 5.06 8.27 -12.28
CA LEU A 241 5.60 8.80 -11.03
C LEU A 241 6.80 9.73 -11.24
N GLY A 242 7.53 9.48 -12.33
CA GLY A 242 8.71 10.27 -12.64
C GLY A 242 9.34 9.85 -13.95
N ARG A 243 10.09 10.78 -14.55
CA ARG A 243 10.95 10.48 -15.69
C ARG A 243 12.26 11.26 -15.50
N PRO A 244 13.38 10.75 -16.04
CA PRO A 244 14.67 11.35 -15.68
C PRO A 244 15.03 12.57 -16.52
N TRP A 245 14.98 13.75 -15.90
CA TRP A 245 15.36 14.98 -16.60
C TRP A 245 16.87 15.19 -16.54
N HIS A 246 17.49 15.15 -17.70
CA HIS A 246 18.91 15.48 -17.85
C HIS A 246 18.96 16.81 -18.59
N PRO A 247 19.02 17.94 -17.85
CA PRO A 247 18.85 19.25 -18.46
C PRO A 247 19.94 19.57 -19.46
N THR A 248 19.55 20.25 -20.55
CA THR A 248 20.52 20.82 -21.46
C THR A 248 21.39 21.77 -20.64
N THR A 249 22.70 21.53 -20.72
CA THR A 249 23.68 22.21 -19.87
C THR A 249 24.89 22.58 -20.72
N THR A 250 25.45 23.76 -20.45
CA THR A 250 26.66 24.19 -21.14
C THR A 250 27.89 23.59 -20.47
N PHE A 251 28.60 22.78 -21.24
CA PHE A 251 29.87 22.19 -20.85
C PHE A 251 30.98 22.77 -21.72
N SER A 252 32.22 22.45 -21.37
CA SER A 252 33.38 22.86 -22.16
C SER A 252 33.31 22.33 -23.60
N ASP A 253 32.71 21.15 -23.79
CA ASP A 253 32.60 20.54 -25.13
C ASP A 253 31.21 20.69 -25.74
N GLY A 254 30.46 21.68 -25.28
CA GLY A 254 29.20 22.02 -25.90
C GLY A 254 28.01 22.03 -24.95
N ARG A 255 26.84 22.25 -25.53
CA ARG A 255 25.61 22.33 -24.77
C ARG A 255 24.69 21.14 -25.11
N TYR A 256 24.44 20.30 -24.11
CA TYR A 256 23.69 19.05 -24.30
C TYR A 256 23.17 18.50 -22.97
N ALA A 257 22.39 17.42 -23.04
CA ALA A 257 21.79 16.82 -21.84
C ALA A 257 22.86 16.34 -20.85
N ASP A 258 22.75 16.81 -19.61
CA ASP A 258 23.74 16.52 -18.58
C ASP A 258 23.76 15.03 -18.23
N PRO A 259 24.87 14.32 -18.52
CA PRO A 259 24.91 12.87 -18.28
C PRO A 259 24.84 12.51 -16.80
N ASN A 260 25.28 13.42 -15.93
CA ASN A 260 25.38 13.13 -14.50
C ASN A 260 24.18 13.58 -13.68
N ALA A 261 23.18 14.12 -14.37
CA ALA A 261 21.92 14.46 -13.74
C ALA A 261 21.05 13.19 -13.75
N ILE A 262 21.34 12.31 -12.80
CA ILE A 262 20.67 11.02 -12.67
C ILE A 262 19.71 11.15 -11.50
N GLY A 263 18.50 11.60 -11.82
CA GLY A 263 17.55 12.08 -10.85
C GLY A 263 17.08 11.05 -9.85
N GLN A 264 16.72 11.54 -8.66
CA GLN A 264 16.13 10.70 -7.61
C GLN A 264 14.73 11.17 -7.27
N THR A 265 13.78 10.24 -7.32
CA THR A 265 12.45 10.43 -6.75
C THR A 265 12.15 9.19 -5.93
N VAL A 266 11.84 9.42 -4.65
CA VAL A 266 11.50 8.33 -3.74
C VAL A 266 10.16 8.64 -3.09
N PHE A 267 9.23 7.69 -3.20
CA PHE A 267 7.93 7.75 -2.55
C PHE A 267 7.92 6.80 -1.35
N LEU A 268 7.56 7.32 -0.18
CA LEU A 268 7.41 6.48 1.01
C LEU A 268 6.04 6.66 1.64
N ASN A 269 5.38 5.55 1.95
CA ASN A 269 4.08 5.56 2.64
C ASN A 269 3.08 6.51 2.00
N THR A 270 2.97 6.42 0.68
CA THR A 270 2.15 7.35 -0.09
C THR A 270 1.06 6.62 -0.87
N SER A 271 -0.16 7.16 -0.81
CA SER A 271 -1.28 6.59 -1.55
C SER A 271 -1.24 7.03 -3.00
N MET A 272 -1.69 6.15 -3.89
CA MET A 272 -1.71 6.43 -5.32
C MET A 272 -2.98 5.86 -5.92
N ASP A 273 -3.74 6.71 -6.62
CA ASP A 273 -4.86 6.19 -7.41
C ASP A 273 -4.36 5.51 -8.69
N ASN A 274 -5.27 4.86 -9.40
CA ASN A 274 -4.87 4.01 -10.51
C ASN A 274 -4.52 4.75 -11.80
N HIS A 275 -4.51 6.09 -11.75
CA HIS A 275 -3.99 6.86 -12.88
C HIS A 275 -2.48 6.64 -13.03
N ILE A 276 -1.83 6.17 -11.96
CA ILE A 276 -0.40 5.87 -11.96
C ILE A 276 -0.09 4.53 -12.64
N TYR A 277 0.83 4.53 -13.61
CA TYR A 277 1.27 3.28 -14.25
C TYR A 277 2.66 2.83 -13.81
N GLY A 278 3.43 3.74 -13.21
CA GLY A 278 4.83 3.46 -12.85
C GLY A 278 5.76 4.58 -13.27
N TRP A 279 7.00 4.23 -13.61
CA TRP A 279 8.00 5.20 -14.04
C TRP A 279 8.09 5.26 -15.55
N ASP A 280 8.78 6.27 -16.07
CA ASP A 280 8.95 6.39 -17.52
C ASP A 280 10.33 6.89 -17.92
N LYS A 281 10.61 6.82 -19.22
CA LYS A 281 11.84 7.37 -19.79
C LYS A 281 11.66 8.83 -20.23
N MET A 282 12.78 9.47 -20.56
CA MET A 282 12.76 10.83 -21.07
C MET A 282 13.93 11.01 -22.02
N SER A 283 13.75 11.83 -23.05
CA SER A 283 14.79 12.05 -24.05
C SER A 283 15.43 13.43 -23.92
N GLY A 284 16.65 13.55 -24.43
CA GLY A 284 17.36 14.82 -24.54
C GLY A 284 18.21 14.76 -25.79
N LYS A 285 19.09 15.76 -25.97
CA LYS A 285 20.05 15.72 -27.06
C LYS A 285 21.44 15.51 -26.48
N ASP A 286 22.21 14.61 -27.10
CA ASP A 286 23.55 14.32 -26.62
C ASP A 286 24.59 15.30 -27.18
N LYS A 287 25.87 15.03 -26.89
CA LYS A 287 26.97 15.92 -27.27
C LYS A 287 27.14 16.07 -28.79
N ASN A 288 26.57 15.12 -29.54
CA ASN A 288 26.65 15.11 -31.01
C ASN A 288 25.39 15.66 -31.66
N GLY A 289 24.40 16.01 -30.84
CA GLY A 289 23.14 16.52 -31.35
C GLY A 289 22.11 15.46 -31.66
N ASN A 290 22.41 14.21 -31.32
CA ASN A 290 21.49 13.09 -31.53
C ASN A 290 20.53 12.94 -30.34
N THR A 291 19.33 12.46 -30.63
CA THR A 291 18.40 12.08 -29.57
C THR A 291 19.02 10.98 -28.70
N ILE A 292 18.93 11.17 -27.38
CA ILE A 292 19.37 10.18 -26.41
C ILE A 292 18.25 9.94 -25.42
N TRP A 293 18.02 8.67 -25.06
CA TRP A 293 16.99 8.30 -24.10
C TRP A 293 17.59 7.93 -22.75
N PHE A 294 16.99 8.48 -21.70
CA PHE A 294 17.38 8.16 -20.33
C PHE A 294 16.28 7.33 -19.68
N ASN A 295 16.68 6.16 -19.18
CA ASN A 295 15.73 5.16 -18.74
C ASN A 295 15.50 5.16 -17.23
N PRO A 296 14.27 4.86 -16.79
CA PRO A 296 13.96 4.85 -15.36
C PRO A 296 14.77 3.82 -14.57
N GLU A 297 15.10 2.68 -15.18
CA GLU A 297 15.87 1.63 -14.50
C GLU A 297 17.31 2.07 -14.20
N ASP A 298 17.79 3.07 -14.94
CA ASP A 298 19.12 3.64 -14.72
C ASP A 298 19.07 4.85 -13.81
N SER A 299 17.87 5.20 -13.36
CA SER A 299 17.65 6.36 -12.51
C SER A 299 17.36 5.93 -11.07
N ARG A 300 17.39 6.89 -10.15
CA ARG A 300 17.17 6.57 -8.74
C ARG A 300 15.70 6.72 -8.36
N PHE A 301 14.88 5.80 -8.87
CA PHE A 301 13.43 5.83 -8.71
C PHE A 301 12.97 4.68 -7.82
N PHE A 302 12.45 5.02 -6.64
CA PHE A 302 12.08 4.00 -5.65
C PHE A 302 10.76 4.28 -4.95
N GLU A 303 10.13 3.20 -4.47
CA GLU A 303 8.97 3.31 -3.61
C GLU A 303 9.17 2.50 -2.32
N TYR A 304 8.44 2.90 -1.29
CA TYR A 304 8.38 2.13 -0.06
C TYR A 304 6.94 2.17 0.47
N LYS A 305 6.33 0.99 0.55
CA LYS A 305 4.98 0.83 1.09
C LYS A 305 3.93 1.79 0.50
N SER A 306 3.94 1.93 -0.83
CA SER A 306 2.88 2.64 -1.52
C SER A 306 1.57 1.87 -1.32
N TYR A 307 0.45 2.59 -1.32
CA TYR A 307 -0.85 1.93 -1.24
C TYR A 307 -1.87 2.62 -2.16
N GLY A 308 -3.08 2.08 -2.22
CA GLY A 308 -4.09 2.55 -3.19
C GLY A 308 -3.94 1.83 -4.52
N ALA A 309 -4.92 2.00 -5.40
CA ALA A 309 -5.01 1.24 -6.65
C ALA A 309 -3.83 1.39 -7.61
N GLY A 310 -3.11 2.52 -7.51
CA GLY A 310 -1.95 2.77 -8.36
C GLY A 310 -0.66 2.17 -7.83
N ALA A 311 -0.74 1.49 -6.70
CA ALA A 311 0.46 0.99 -6.02
C ALA A 311 0.79 -0.47 -6.35
N THR A 312 1.00 -0.75 -7.62
CA THR A 312 1.37 -2.11 -8.04
C THR A 312 2.85 -2.40 -7.87
N VAL A 313 3.16 -3.68 -7.66
CA VAL A 313 4.52 -4.14 -7.37
C VAL A 313 5.00 -5.02 -8.50
N SER A 314 6.08 -4.59 -9.14
CA SER A 314 6.79 -5.38 -10.14
C SER A 314 8.21 -4.89 -10.27
N LYS A 315 9.07 -5.81 -10.73
CA LYS A 315 10.35 -5.53 -11.37
C LYS A 315 10.61 -4.07 -11.83
N ASP A 316 9.68 -3.49 -12.57
CA ASP A 316 9.83 -2.12 -13.11
C ASP A 316 9.62 -1.02 -12.04
N ARG A 317 9.21 -1.45 -10.85
CA ARG A 317 8.98 -0.53 -9.73
C ARG A 317 9.72 -1.00 -8.50
N ARG A 318 10.98 -0.59 -8.40
CA ARG A 318 11.87 -1.03 -7.34
C ARG A 318 11.40 -0.56 -5.97
N GLN A 319 11.60 -1.42 -4.97
CA GLN A 319 11.13 -1.18 -3.62
C GLN A 319 12.30 -1.08 -2.66
N LEU A 320 12.20 -0.15 -1.71
CA LEU A 320 13.19 -0.02 -0.65
C LEU A 320 12.95 -1.09 0.41
N THR A 321 14.03 -1.58 1.01
CA THR A 321 13.93 -2.40 2.21
C THR A 321 13.59 -1.50 3.40
N ASP A 322 13.21 -2.09 4.53
CA ASP A 322 13.00 -1.34 5.77
C ASP A 322 14.24 -0.52 6.15
N ALA A 323 15.41 -1.15 6.05
CA ALA A 323 16.67 -0.49 6.38
C ALA A 323 16.96 0.70 5.46
N GLN A 324 16.67 0.55 4.17
CA GLN A 324 16.86 1.61 3.19
C GLN A 324 15.88 2.76 3.41
N ALA A 325 14.64 2.41 3.77
CA ALA A 325 13.59 3.40 4.06
C ALA A 325 13.97 4.33 5.22
N ALA A 326 14.71 3.79 6.19
CA ALA A 326 15.17 4.55 7.35
C ALA A 326 16.14 5.67 6.97
N GLU A 327 16.67 5.62 5.75
CA GLU A 327 17.58 6.67 5.26
C GLU A 327 16.83 7.89 4.72
N TYR A 328 15.51 7.82 4.73
CA TYR A 328 14.68 8.89 4.14
C TYR A 328 13.80 9.61 5.17
N THR A 329 14.27 9.66 6.42
CA THR A 329 13.62 10.45 7.46
C THR A 329 13.88 11.93 7.20
N GLN A 330 13.06 12.79 7.79
CA GLN A 330 13.26 14.23 7.67
C GLN A 330 14.66 14.65 8.12
N SER A 331 15.10 14.10 9.26
CA SER A 331 16.42 14.35 9.80
C SER A 331 17.55 14.04 8.81
N LYS A 332 17.43 12.90 8.12
CA LYS A 332 18.43 12.48 7.14
C LYS A 332 18.38 13.33 5.89
N VAL A 333 17.17 13.62 5.41
CA VAL A 333 17.00 14.32 4.13
C VAL A 333 17.41 15.79 4.24
N LEU A 334 17.05 16.44 5.34
CA LEU A 334 17.29 17.87 5.51
C LEU A 334 18.57 18.22 6.29
N GLY A 335 19.23 17.20 6.84
CA GLY A 335 20.50 17.41 7.54
C GLY A 335 20.34 18.25 8.81
N ASP A 336 21.17 19.28 8.93
CA ASP A 336 21.17 20.12 10.14
C ASP A 336 20.05 21.17 10.19
N TRP A 337 19.20 21.19 9.16
CA TRP A 337 18.12 22.17 9.07
C TRP A 337 16.81 21.62 9.60
N THR A 338 16.26 22.32 10.61
CA THR A 338 14.93 22.04 11.11
C THR A 338 14.00 23.17 10.66
N PRO A 339 13.10 22.89 9.70
CA PRO A 339 12.19 23.94 9.22
C PRO A 339 11.30 24.45 10.34
N THR A 340 11.32 25.75 10.55
CA THR A 340 10.47 26.39 11.55
C THR A 340 9.87 27.66 10.99
N LEU A 341 8.65 27.97 11.45
CA LEU A 341 7.98 29.20 11.08
C LEU A 341 8.20 30.26 12.15
N PRO A 342 8.08 31.56 11.79
CA PRO A 342 8.26 32.65 12.75
C PRO A 342 7.21 32.63 13.85
N ALA B 1 19.33 -27.18 23.30
CA ALA B 1 19.08 -28.64 23.42
C ALA B 1 17.77 -29.05 22.77
N THR B 2 17.86 -29.81 21.67
CA THR B 2 16.70 -30.32 20.95
C THR B 2 16.83 -31.83 20.69
N THR B 3 15.98 -32.60 21.35
CA THR B 3 15.99 -34.07 21.23
C THR B 3 14.62 -34.60 20.77
N TYR B 4 14.64 -35.69 20.01
CA TYR B 4 13.42 -36.27 19.45
C TYR B 4 13.05 -37.60 20.09
N ASN B 5 11.79 -37.72 20.48
CA ASN B 5 11.25 -38.94 21.06
C ASN B 5 11.00 -40.02 20.02
N ALA B 6 10.72 -39.59 18.79
CA ALA B 6 10.50 -40.49 17.67
C ALA B 6 10.91 -39.82 16.36
N VAL B 7 11.27 -40.65 15.37
CA VAL B 7 11.62 -40.16 14.05
C VAL B 7 10.81 -40.91 12.98
N VAL B 8 10.22 -40.15 12.07
CA VAL B 8 9.49 -40.71 10.92
C VAL B 8 10.36 -40.57 9.67
N SER B 9 10.44 -41.65 8.89
CA SER B 9 11.27 -41.66 7.70
C SER B 9 10.66 -42.55 6.62
N LYS B 10 10.91 -42.18 5.36
CA LYS B 10 10.51 -42.99 4.21
C LYS B 10 11.50 -44.13 3.97
N SER B 11 12.73 -43.93 4.44
CA SER B 11 13.80 -44.91 4.24
C SER B 11 13.99 -45.79 5.46
N SER B 12 14.04 -47.10 5.23
CA SER B 12 14.34 -48.08 6.27
C SER B 12 15.86 -48.11 6.52
N SER B 13 16.61 -47.72 5.50
CA SER B 13 18.08 -47.64 5.57
C SER B 13 18.56 -46.41 6.34
N ASP B 14 17.63 -45.52 6.70
CA ASP B 14 17.93 -44.29 7.44
C ASP B 14 18.35 -44.58 8.87
N GLY B 15 17.55 -45.39 9.57
CA GLY B 15 17.84 -45.79 10.95
C GLY B 15 16.68 -46.45 11.66
N LYS B 16 16.58 -46.20 12.98
CA LYS B 16 15.54 -46.76 13.83
C LYS B 16 14.28 -45.87 13.83
N THR B 17 13.50 -45.96 12.75
CA THR B 17 12.44 -44.99 12.47
C THR B 17 11.07 -45.61 12.21
N PHE B 18 10.03 -44.80 12.39
CA PHE B 18 8.66 -45.16 12.06
C PHE B 18 8.39 -44.88 10.59
N LYS B 19 7.57 -45.71 9.96
CA LYS B 19 7.22 -45.55 8.54
C LYS B 19 6.11 -44.53 8.34
N THR B 20 5.20 -44.44 9.30
CA THR B 20 4.09 -43.49 9.24
C THR B 20 4.08 -42.56 10.45
N ILE B 21 3.57 -41.35 10.23
CA ILE B 21 3.42 -40.36 11.30
C ILE B 21 2.44 -40.82 12.37
N ALA B 22 1.33 -41.43 11.94
CA ALA B 22 0.32 -41.99 12.85
C ALA B 22 0.95 -42.99 13.83
N ASP B 23 1.82 -43.86 13.33
CA ASP B 23 2.50 -44.84 14.17
C ASP B 23 3.43 -44.20 15.20
N ALA B 24 4.16 -43.17 14.77
CA ALA B 24 5.04 -42.42 15.67
C ALA B 24 4.27 -41.70 16.77
N ILE B 25 3.14 -41.08 16.40
CA ILE B 25 2.26 -40.40 17.36
C ILE B 25 1.70 -41.40 18.37
N ALA B 26 1.21 -42.54 17.87
CA ALA B 26 0.62 -43.57 18.72
C ALA B 26 1.62 -44.13 19.73
N SER B 27 2.90 -44.13 19.38
CA SER B 27 3.94 -44.70 20.23
C SER B 27 4.25 -43.86 21.46
N ALA B 28 3.70 -42.65 21.52
CA ALA B 28 3.87 -41.77 22.66
C ALA B 28 3.20 -42.38 23.91
N PRO B 29 3.90 -42.35 25.06
CA PRO B 29 3.29 -42.83 26.29
C PRO B 29 2.06 -42.00 26.65
N ALA B 30 1.09 -42.63 27.31
CA ALA B 30 -0.11 -41.93 27.78
C ALA B 30 0.28 -40.86 28.77
N GLY B 31 -0.34 -39.69 28.67
CA GLY B 31 -0.03 -38.58 29.56
C GLY B 31 0.18 -37.26 28.85
N SER B 32 0.95 -36.37 29.49
CA SER B 32 1.07 -34.99 29.03
C SER B 32 2.50 -34.44 29.05
N THR B 33 3.49 -35.32 29.24
CA THR B 33 4.90 -34.96 29.05
C THR B 33 5.15 -34.65 27.57
N PRO B 34 6.07 -33.71 27.27
CA PRO B 34 6.32 -33.34 25.88
C PRO B 34 6.78 -34.53 25.03
N PHE B 35 6.22 -34.65 23.83
CA PHE B 35 6.61 -35.69 22.89
C PHE B 35 6.89 -35.04 21.55
N VAL B 36 8.13 -35.17 21.08
CA VAL B 36 8.59 -34.47 19.88
C VAL B 36 8.96 -35.45 18.78
N ILE B 37 8.33 -35.29 17.62
CA ILE B 37 8.53 -36.20 16.50
C ILE B 37 9.18 -35.47 15.33
N LEU B 38 10.33 -35.97 14.90
CA LEU B 38 10.97 -35.49 13.69
C LEU B 38 10.40 -36.24 12.49
N ILE B 39 10.02 -35.49 11.45
CA ILE B 39 9.50 -36.08 10.22
C ILE B 39 10.43 -35.72 9.07
N LYS B 40 11.15 -36.72 8.57
CA LYS B 40 12.08 -36.53 7.46
C LYS B 40 11.33 -36.29 6.15
N ASN B 41 12.01 -35.66 5.19
CA ASN B 41 11.40 -35.29 3.91
C ASN B 41 10.67 -36.44 3.23
N GLY B 42 9.47 -36.13 2.72
CA GLY B 42 8.64 -37.11 2.07
C GLY B 42 7.20 -36.68 2.06
N VAL B 43 6.40 -37.32 1.22
CA VAL B 43 4.96 -37.07 1.18
C VAL B 43 4.25 -38.21 1.92
N TYR B 44 3.65 -37.88 3.05
CA TYR B 44 2.98 -38.85 3.89
C TYR B 44 1.48 -38.76 3.68
N ASN B 45 0.95 -39.76 2.99
CA ASN B 45 -0.46 -39.83 2.66
C ASN B 45 -1.24 -40.35 3.87
N GLU B 46 -1.49 -39.44 4.81
CA GLU B 46 -2.12 -39.81 6.07
C GLU B 46 -3.13 -38.76 6.49
N ARG B 47 -4.13 -39.22 7.24
CA ARG B 47 -5.05 -38.35 7.95
C ARG B 47 -4.83 -38.58 9.44
N LEU B 48 -4.72 -37.50 10.20
CA LEU B 48 -4.33 -37.59 11.60
C LEU B 48 -5.33 -36.85 12.48
N THR B 49 -5.64 -37.44 13.63
CA THR B 49 -6.39 -36.76 14.68
C THR B 49 -5.53 -36.79 15.93
N ILE B 50 -5.20 -35.60 16.45
CA ILE B 50 -4.32 -35.45 17.61
C ILE B 50 -5.15 -35.29 18.87
N THR B 51 -5.04 -36.25 19.78
CA THR B 51 -5.80 -36.23 21.03
C THR B 51 -4.88 -36.21 22.25
N ARG B 52 -3.58 -36.30 22.01
CA ARG B 52 -2.60 -36.25 23.09
C ARG B 52 -2.03 -34.85 23.29
N ASN B 53 -2.17 -34.35 24.51
CA ASN B 53 -1.63 -33.06 24.91
C ASN B 53 -0.10 -33.00 24.78
N ASN B 54 0.42 -31.80 24.50
CA ASN B 54 1.86 -31.56 24.50
C ASN B 54 2.61 -32.36 23.43
N LEU B 55 1.97 -32.54 22.28
CA LEU B 55 2.59 -33.24 21.15
C LEU B 55 3.13 -32.25 20.14
N HIS B 56 4.31 -32.57 19.60
CA HIS B 56 5.05 -31.63 18.76
C HIS B 56 5.67 -32.30 17.56
N LEU B 57 5.31 -31.81 16.38
CA LEU B 57 5.83 -32.35 15.13
C LEU B 57 6.83 -31.36 14.53
N LYS B 58 7.96 -31.87 14.06
CA LYS B 58 8.94 -31.04 13.39
C LYS B 58 9.35 -31.69 12.08
N GLY B 59 9.04 -31.03 10.96
CA GLY B 59 9.45 -31.54 9.66
C GLY B 59 10.88 -31.16 9.35
N GLU B 60 11.52 -31.96 8.50
CA GLU B 60 12.90 -31.70 8.07
C GLU B 60 12.98 -30.36 7.33
N SER B 61 11.97 -30.09 6.52
CA SER B 61 11.85 -28.82 5.80
C SER B 61 10.39 -28.58 5.44
N ARG B 62 9.99 -27.32 5.38
CA ARG B 62 8.63 -26.98 4.97
C ARG B 62 8.36 -27.42 3.53
N ASN B 63 9.37 -27.25 2.69
CA ASN B 63 9.30 -27.61 1.28
C ASN B 63 9.13 -29.11 1.05
N GLY B 64 9.80 -29.91 1.89
CA GLY B 64 9.93 -31.35 1.64
C GLY B 64 9.18 -32.31 2.55
N ALA B 65 8.77 -31.83 3.73
CA ALA B 65 8.01 -32.67 4.66
C ALA B 65 6.53 -32.34 4.55
N VAL B 66 5.78 -33.24 3.91
CA VAL B 66 4.40 -32.98 3.54
C VAL B 66 3.46 -34.05 4.12
N ILE B 67 2.38 -33.59 4.75
CA ILE B 67 1.32 -34.49 5.20
C ILE B 67 0.09 -34.17 4.35
N ALA B 68 -0.37 -35.15 3.59
CA ALA B 68 -1.41 -34.87 2.58
C ALA B 68 -2.46 -35.98 2.48
N ALA B 69 -3.71 -35.56 2.27
CA ALA B 69 -4.79 -36.47 1.94
C ALA B 69 -5.84 -35.70 1.17
N ALA B 70 -6.65 -36.40 0.37
CA ALA B 70 -7.70 -35.77 -0.42
C ALA B 70 -9.09 -36.16 0.09
N THR B 71 -9.78 -35.20 0.69
CA THR B 71 -11.12 -35.43 1.22
C THR B 71 -11.95 -34.15 1.15
N ALA B 72 -13.08 -34.20 0.45
CA ALA B 72 -14.02 -33.08 0.48
C ALA B 72 -15.16 -33.37 1.44
N ALA B 73 -15.88 -32.33 1.82
CA ALA B 73 -17.07 -32.45 2.67
C ALA B 73 -18.06 -33.40 2.01
N GLY B 74 -18.15 -33.34 0.68
CA GLY B 74 -19.06 -34.17 -0.10
C GLY B 74 -18.54 -35.57 -0.45
N THR B 75 -17.30 -35.87 -0.07
CA THR B 75 -16.75 -37.21 -0.27
C THR B 75 -17.54 -38.17 0.62
N LEU B 76 -17.92 -39.31 0.06
CA LEU B 76 -18.73 -40.28 0.80
C LEU B 76 -17.87 -41.30 1.54
N LYS B 77 -18.30 -41.63 2.76
CA LYS B 77 -17.68 -42.70 3.55
C LYS B 77 -18.19 -44.06 3.09
N SER B 78 -17.76 -45.11 3.79
CA SER B 78 -18.20 -46.48 3.54
C SER B 78 -19.71 -46.66 3.61
N ASP B 79 -20.34 -46.03 4.60
CA ASP B 79 -21.79 -46.14 4.83
C ASP B 79 -22.62 -45.26 3.89
N GLY B 80 -21.95 -44.52 3.01
CA GLY B 80 -22.61 -43.67 2.03
C GLY B 80 -22.91 -42.26 2.53
N SER B 81 -22.49 -41.96 3.76
CA SER B 81 -22.70 -40.62 4.31
C SER B 81 -21.47 -39.73 4.07
N LYS B 82 -21.73 -38.43 3.97
CA LYS B 82 -20.68 -37.46 3.68
C LYS B 82 -19.76 -37.25 4.87
N TRP B 83 -18.48 -36.98 4.58
CA TRP B 83 -17.52 -36.66 5.62
C TRP B 83 -17.89 -35.36 6.35
N GLY B 84 -18.42 -34.39 5.61
CA GLY B 84 -18.72 -33.08 6.14
C GLY B 84 -17.48 -32.20 6.20
N THR B 85 -17.66 -30.92 6.50
CA THR B 85 -16.54 -29.97 6.55
C THR B 85 -15.50 -30.32 7.63
N ALA B 86 -15.92 -30.42 8.89
CA ALA B 86 -15.02 -30.84 9.97
C ALA B 86 -14.35 -32.18 9.64
N GLY B 87 -15.16 -33.13 9.16
CA GLY B 87 -14.69 -34.47 8.86
C GLY B 87 -13.74 -34.59 7.68
N SER B 88 -13.68 -33.56 6.86
CA SER B 88 -12.83 -33.57 5.67
C SER B 88 -11.36 -33.31 5.96
N SER B 89 -11.07 -32.88 7.19
CA SER B 89 -9.74 -32.37 7.52
C SER B 89 -8.64 -33.41 7.41
N THR B 90 -7.51 -33.01 6.85
CA THR B 90 -6.33 -33.86 6.79
C THR B 90 -5.76 -34.06 8.20
N ILE B 91 -5.58 -32.95 8.91
CA ILE B 91 -5.14 -33.00 10.31
C ILE B 91 -6.14 -32.31 11.21
N THR B 92 -6.54 -33.01 12.27
CA THR B 92 -7.46 -32.49 13.26
C THR B 92 -6.72 -32.40 14.60
N ILE B 93 -6.65 -31.19 15.17
CA ILE B 93 -6.03 -31.00 16.49
C ILE B 93 -7.11 -30.91 17.57
N SER B 94 -7.17 -31.94 18.40
CA SER B 94 -8.15 -32.01 19.48
C SER B 94 -7.41 -32.25 20.80
N ALA B 95 -6.27 -31.57 20.94
CA ALA B 95 -5.47 -31.63 22.16
C ALA B 95 -4.82 -30.29 22.39
N LYS B 96 -4.34 -30.07 23.61
CA LYS B 96 -3.74 -28.80 24.00
C LYS B 96 -2.24 -28.81 23.78
N ASP B 97 -1.67 -27.60 23.62
CA ASP B 97 -0.23 -27.42 23.50
C ASP B 97 0.42 -28.22 22.37
N PHE B 98 -0.28 -28.31 21.25
CA PHE B 98 0.28 -28.88 20.04
C PHE B 98 1.18 -27.86 19.36
N SER B 99 2.28 -28.33 18.77
CA SER B 99 3.00 -27.51 17.80
C SER B 99 3.41 -28.30 16.56
N ALA B 100 3.44 -27.62 15.43
CA ALA B 100 4.00 -28.15 14.20
C ALA B 100 4.98 -27.12 13.64
N GLN B 101 6.14 -27.59 13.20
CA GLN B 101 7.16 -26.71 12.64
C GLN B 101 7.75 -27.28 11.35
N SER B 102 8.01 -26.40 10.39
CA SER B 102 8.77 -26.76 9.18
C SER B 102 8.16 -27.94 8.43
N LEU B 103 6.87 -27.84 8.11
CA LEU B 103 6.18 -28.89 7.37
C LEU B 103 4.97 -28.33 6.63
N THR B 104 4.49 -29.08 5.65
CA THR B 104 3.32 -28.70 4.85
C THR B 104 2.17 -29.66 5.16
N ILE B 105 0.97 -29.11 5.32
CA ILE B 105 -0.24 -29.91 5.49
C ILE B 105 -1.19 -29.56 4.34
N ARG B 106 -1.60 -30.57 3.57
CA ARG B 106 -2.45 -30.33 2.41
C ARG B 106 -3.74 -31.10 2.45
N ASN B 107 -4.80 -30.49 1.95
CA ASN B 107 -5.93 -31.28 1.45
C ASN B 107 -5.84 -31.28 -0.08
N ASP B 108 -5.67 -32.47 -0.64
CA ASP B 108 -5.41 -32.62 -2.07
C ASP B 108 -6.67 -32.80 -2.91
N PHE B 109 -7.85 -32.56 -2.31
CA PHE B 109 -9.08 -32.53 -3.09
C PHE B 109 -8.91 -31.59 -4.27
N ASP B 110 -9.06 -32.13 -5.48
CA ASP B 110 -8.80 -31.37 -6.68
C ASP B 110 -10.01 -30.52 -7.05
N PHE B 111 -10.13 -29.38 -6.39
CA PHE B 111 -11.27 -28.49 -6.62
C PHE B 111 -11.44 -28.09 -8.10
N PRO B 112 -10.36 -27.60 -8.77
CA PRO B 112 -10.53 -27.23 -10.18
C PRO B 112 -10.98 -28.40 -11.08
N ALA B 113 -10.43 -29.60 -10.87
CA ALA B 113 -10.86 -30.78 -11.64
C ALA B 113 -12.33 -31.10 -11.38
N ASN B 114 -12.74 -30.98 -10.11
CA ASN B 114 -14.15 -31.18 -9.74
C ASN B 114 -15.09 -30.21 -10.47
N GLN B 115 -14.74 -28.94 -10.48
CA GLN B 115 -15.57 -27.91 -11.10
C GLN B 115 -15.65 -28.08 -12.61
N ALA B 116 -14.58 -28.60 -13.19
CA ALA B 116 -14.51 -28.83 -14.64
C ALA B 116 -15.36 -30.02 -15.10
N LYS B 117 -15.77 -30.86 -14.15
CA LYS B 117 -16.64 -32.00 -14.47
C LYS B 117 -17.98 -31.52 -15.00
N SER B 118 -18.55 -32.29 -15.91
CA SER B 118 -19.88 -32.01 -16.44
C SER B 118 -20.92 -32.04 -15.32
N ASP B 119 -21.92 -31.17 -15.41
CA ASP B 119 -22.96 -31.08 -14.40
C ASP B 119 -23.71 -32.40 -14.15
N SER B 120 -23.81 -33.24 -15.19
CA SER B 120 -24.51 -34.52 -15.07
C SER B 120 -23.64 -35.64 -14.49
N ASP B 121 -22.34 -35.36 -14.32
CA ASP B 121 -21.40 -36.31 -13.72
C ASP B 121 -21.74 -36.54 -12.25
N SER B 122 -22.15 -37.76 -11.92
CA SER B 122 -22.57 -38.10 -10.55
C SER B 122 -21.43 -38.02 -9.53
N SER B 123 -20.18 -37.96 -10.03
CA SER B 123 -19.01 -37.86 -9.15
C SER B 123 -18.64 -36.41 -8.87
N LYS B 124 -19.32 -35.47 -9.53
CA LYS B 124 -19.13 -34.05 -9.27
C LYS B 124 -19.71 -33.67 -7.91
N ILE B 125 -18.83 -33.24 -7.01
CA ILE B 125 -19.18 -32.91 -5.64
C ILE B 125 -19.67 -31.46 -5.51
N LYS B 126 -20.76 -31.26 -4.77
CA LYS B 126 -21.26 -29.91 -4.49
C LYS B 126 -20.70 -29.33 -3.19
N ASP B 127 -20.52 -30.19 -2.19
CA ASP B 127 -19.94 -29.77 -0.92
C ASP B 127 -18.42 -29.79 -1.02
N THR B 128 -17.89 -28.70 -1.56
CA THR B 128 -16.51 -28.63 -2.03
C THR B 128 -15.49 -28.18 -0.97
N GLN B 129 -15.96 -27.97 0.27
CA GLN B 129 -15.05 -27.70 1.39
C GLN B 129 -14.09 -28.86 1.53
N ALA B 130 -12.81 -28.56 1.73
CA ALA B 130 -11.81 -29.61 1.88
C ALA B 130 -10.69 -29.08 2.77
N VAL B 131 -10.86 -29.31 4.07
CA VAL B 131 -10.02 -28.72 5.11
C VAL B 131 -8.65 -29.38 5.19
N ALA B 132 -7.58 -28.58 5.24
CA ALA B 132 -6.23 -29.08 5.44
C ALA B 132 -5.96 -29.28 6.94
N LEU B 133 -6.26 -28.23 7.71
CA LEU B 133 -6.00 -28.24 9.14
C LEU B 133 -7.22 -27.74 9.91
N TYR B 134 -7.61 -28.50 10.93
CA TYR B 134 -8.75 -28.16 11.77
C TYR B 134 -8.33 -28.16 13.22
N VAL B 135 -8.41 -27.00 13.88
CA VAL B 135 -8.18 -26.91 15.32
C VAL B 135 -9.55 -26.86 15.97
N THR B 136 -9.86 -27.89 16.77
CA THR B 136 -11.21 -28.03 17.33
C THR B 136 -11.37 -27.25 18.62
N LYS B 137 -12.57 -27.30 19.20
CA LYS B 137 -12.84 -26.64 20.48
C LYS B 137 -11.93 -27.15 21.61
N SER B 138 -11.32 -28.32 21.38
CA SER B 138 -10.44 -28.98 22.35
C SER B 138 -8.94 -28.71 22.15
N GLY B 139 -8.60 -27.81 21.23
CA GLY B 139 -7.21 -27.68 20.77
C GLY B 139 -6.45 -26.42 21.15
N ASP B 140 -6.74 -25.89 22.33
CA ASP B 140 -6.17 -24.60 22.79
C ASP B 140 -4.65 -24.59 22.80
N ARG B 141 -4.09 -23.41 22.53
CA ARG B 141 -2.64 -23.20 22.50
C ARG B 141 -1.94 -24.05 21.44
N ALA B 142 -2.41 -23.93 20.19
CA ALA B 142 -1.85 -24.64 19.05
C ALA B 142 -0.91 -23.70 18.27
N TYR B 143 0.33 -24.13 18.08
CA TYR B 143 1.38 -23.27 17.50
C TYR B 143 1.93 -23.85 16.20
N PHE B 144 1.92 -23.04 15.15
CA PHE B 144 2.37 -23.46 13.83
C PHE B 144 3.43 -22.49 13.32
N LYS B 145 4.67 -22.97 13.23
CA LYS B 145 5.78 -22.11 12.81
C LYS B 145 6.43 -22.63 11.54
N ASP B 146 6.58 -21.77 10.54
CA ASP B 146 7.14 -22.17 9.25
C ASP B 146 6.38 -23.40 8.69
N VAL B 147 5.06 -23.26 8.67
CA VAL B 147 4.17 -24.32 8.18
C VAL B 147 3.43 -23.78 6.95
N SER B 148 3.21 -24.64 5.98
CA SER B 148 2.41 -24.32 4.81
C SER B 148 1.12 -25.11 4.86
N LEU B 149 0.00 -24.42 4.64
CA LEU B 149 -1.32 -25.04 4.61
C LEU B 149 -1.90 -24.89 3.22
N VAL B 150 -2.25 -26.01 2.59
CA VAL B 150 -2.69 -26.00 1.20
C VAL B 150 -4.12 -26.49 1.04
N GLY B 151 -4.92 -25.72 0.33
CA GLY B 151 -6.27 -26.13 -0.05
C GLY B 151 -6.87 -25.16 -1.03
N TYR B 152 -8.15 -25.36 -1.32
CA TYR B 152 -8.93 -24.39 -2.08
C TYR B 152 -10.01 -23.84 -1.16
N GLN B 153 -11.18 -24.46 -1.13
CA GLN B 153 -12.21 -24.00 -0.21
C GLN B 153 -11.95 -24.51 1.21
N ALA B 154 -12.01 -23.60 2.18
CA ALA B 154 -12.01 -23.98 3.61
C ALA B 154 -10.71 -24.65 4.08
N THR B 155 -9.58 -24.12 3.62
CA THR B 155 -8.27 -24.70 3.94
C THR B 155 -8.03 -24.82 5.46
N LEU B 156 -8.27 -23.74 6.19
CA LEU B 156 -7.94 -23.71 7.61
C LEU B 156 -9.18 -23.43 8.47
N TYR B 157 -9.52 -24.40 9.31
CA TYR B 157 -10.68 -24.33 10.20
C TYR B 157 -10.14 -24.11 11.61
N VAL B 158 -10.29 -22.90 12.13
CA VAL B 158 -9.83 -22.59 13.49
C VAL B 158 -11.02 -22.35 14.42
N SER B 159 -11.20 -23.26 15.37
CA SER B 159 -12.34 -23.22 16.29
C SER B 159 -11.90 -23.25 17.75
N GLY B 160 -12.74 -22.68 18.63
CA GLY B 160 -12.50 -22.76 20.07
C GLY B 160 -11.44 -21.81 20.60
N GLY B 161 -10.29 -22.37 20.98
CA GLY B 161 -9.27 -21.63 21.73
C GLY B 161 -8.31 -20.82 20.88
N ARG B 162 -7.07 -20.69 21.37
CA ARG B 162 -6.06 -19.86 20.73
C ARG B 162 -5.12 -20.65 19.85
N SER B 163 -4.86 -20.12 18.66
CA SER B 163 -3.82 -20.67 17.79
C SER B 163 -2.94 -19.53 17.30
N PHE B 164 -1.68 -19.85 17.03
CA PHE B 164 -0.73 -18.87 16.53
C PHE B 164 -0.01 -19.45 15.33
N PHE B 165 -0.02 -18.69 14.24
CA PHE B 165 0.62 -19.09 12.99
C PHE B 165 1.69 -18.06 12.68
N SER B 166 2.93 -18.53 12.53
CA SER B 166 4.10 -17.66 12.38
C SER B 166 4.94 -18.12 11.18
N ASP B 167 5.34 -17.16 10.34
CA ASP B 167 6.20 -17.45 9.17
C ASP B 167 5.56 -18.51 8.29
N CYS B 168 4.26 -18.34 8.06
CA CYS B 168 3.47 -19.40 7.45
C CYS B 168 3.05 -19.06 6.03
N ARG B 169 2.66 -20.09 5.28
CA ARG B 169 1.99 -19.92 4.00
C ARG B 169 0.63 -20.61 4.11
N ILE B 170 -0.42 -19.93 3.66
CA ILE B 170 -1.77 -20.50 3.62
C ILE B 170 -2.40 -20.13 2.29
N SER B 171 -2.87 -21.13 1.55
CA SER B 171 -3.47 -20.89 0.25
C SER B 171 -4.91 -21.37 0.21
N GLY B 172 -5.69 -20.76 -0.68
CA GLY B 172 -7.06 -21.17 -0.86
C GLY B 172 -7.86 -20.22 -1.71
N THR B 173 -9.16 -20.47 -1.74
CA THR B 173 -10.09 -19.70 -2.54
C THR B 173 -11.20 -19.11 -1.65
N VAL B 174 -12.18 -19.94 -1.32
CA VAL B 174 -13.37 -19.52 -0.61
C VAL B 174 -13.26 -19.84 0.88
N ASP B 175 -13.38 -18.79 1.70
CA ASP B 175 -13.42 -18.93 3.16
C ASP B 175 -12.25 -19.76 3.70
N PHE B 176 -11.04 -19.47 3.23
CA PHE B 176 -9.92 -20.38 3.49
C PHE B 176 -9.25 -20.26 4.86
N ILE B 177 -9.64 -19.25 5.62
CA ILE B 177 -9.42 -19.22 7.06
C ILE B 177 -10.77 -18.92 7.67
N PHE B 178 -11.32 -19.87 8.42
CA PHE B 178 -12.68 -19.72 8.92
C PHE B 178 -12.86 -20.35 10.29
N GLY B 179 -13.88 -19.88 11.01
CA GLY B 179 -14.20 -20.44 12.32
C GLY B 179 -14.25 -19.41 13.42
N ASP B 180 -14.47 -19.89 14.64
CA ASP B 180 -14.76 -19.02 15.79
C ASP B 180 -13.61 -18.92 16.78
N GLY B 181 -12.46 -19.50 16.44
CA GLY B 181 -11.30 -19.47 17.30
C GLY B 181 -10.62 -18.12 17.36
N THR B 182 -9.72 -17.96 18.32
CA THR B 182 -8.81 -16.83 18.35
C THR B 182 -7.55 -17.29 17.63
N ALA B 183 -7.34 -16.76 16.43
CA ALA B 183 -6.20 -17.19 15.63
C ALA B 183 -5.40 -15.97 15.19
N LEU B 184 -4.14 -15.95 15.59
CA LEU B 184 -3.22 -14.87 15.26
C LEU B 184 -2.23 -15.36 14.21
N PHE B 185 -2.06 -14.54 13.16
CA PHE B 185 -1.17 -14.87 12.07
C PHE B 185 -0.14 -13.77 11.95
N ASN B 186 1.13 -14.11 12.11
CA ASN B 186 2.21 -13.13 11.96
C ASN B 186 3.24 -13.53 10.91
N ASN B 187 3.59 -12.57 10.05
CA ASN B 187 4.56 -12.80 8.98
C ASN B 187 4.19 -14.01 8.11
N CYS B 188 2.92 -14.07 7.72
CA CYS B 188 2.40 -15.13 6.87
C CYS B 188 2.11 -14.63 5.46
N ASP B 189 2.23 -15.55 4.49
CA ASP B 189 1.78 -15.29 3.14
C ASP B 189 0.43 -15.95 2.96
N LEU B 190 -0.59 -15.13 2.69
CA LEU B 190 -1.94 -15.62 2.46
C LEU B 190 -2.22 -15.54 0.97
N VAL B 191 -2.33 -16.71 0.35
CA VAL B 191 -2.28 -16.84 -1.11
C VAL B 191 -3.64 -17.14 -1.71
N SER B 192 -4.21 -16.17 -2.42
CA SER B 192 -5.49 -16.32 -3.11
C SER B 192 -5.28 -17.02 -4.44
N ARG B 193 -6.02 -18.11 -4.66
CA ARG B 193 -5.77 -18.98 -5.79
C ARG B 193 -6.66 -18.67 -7.00
N TYR B 194 -6.14 -19.01 -8.18
CA TYR B 194 -6.86 -18.81 -9.44
C TYR B 194 -8.04 -19.78 -9.55
N ARG B 195 -9.19 -19.25 -9.95
CA ARG B 195 -10.36 -20.08 -10.21
C ARG B 195 -10.79 -20.01 -11.67
N ALA B 196 -10.56 -21.11 -12.39
CA ALA B 196 -10.91 -21.20 -13.80
C ALA B 196 -12.42 -21.26 -14.01
N ASP B 197 -13.15 -21.59 -12.96
CA ASP B 197 -14.61 -21.80 -13.04
C ASP B 197 -15.43 -20.55 -12.74
N VAL B 198 -14.75 -19.42 -12.54
CA VAL B 198 -15.42 -18.16 -12.20
C VAL B 198 -15.42 -17.21 -13.40
N LYS B 199 -16.61 -16.75 -13.79
CA LYS B 199 -16.77 -15.83 -14.92
C LYS B 199 -16.09 -14.49 -14.69
N SER B 200 -15.68 -13.86 -15.79
CA SER B 200 -14.88 -12.62 -15.77
C SER B 200 -15.11 -11.66 -14.61
N GLY B 201 -16.34 -11.19 -14.43
CA GLY B 201 -16.64 -10.15 -13.44
C GLY B 201 -17.25 -10.61 -12.12
N ASN B 202 -17.08 -11.89 -11.79
CA ASN B 202 -17.60 -12.44 -10.54
C ASN B 202 -16.49 -12.65 -9.51
N VAL B 203 -16.88 -12.85 -8.26
CA VAL B 203 -15.92 -13.00 -7.15
C VAL B 203 -15.32 -14.41 -7.16
N SER B 204 -14.01 -14.51 -6.92
CA SER B 204 -13.32 -15.80 -6.82
C SER B 204 -13.31 -16.39 -5.41
N GLY B 205 -13.16 -15.54 -4.40
CA GLY B 205 -13.12 -16.06 -3.03
C GLY B 205 -13.00 -15.02 -1.95
N TYR B 206 -12.74 -15.49 -0.73
CA TYR B 206 -12.68 -14.66 0.46
C TYR B 206 -11.62 -15.26 1.37
N LEU B 207 -10.70 -14.43 1.85
CA LEU B 207 -9.63 -14.91 2.71
C LEU B 207 -10.16 -15.50 4.01
N THR B 208 -11.11 -14.81 4.61
CA THR B 208 -11.60 -15.20 5.93
C THR B 208 -13.12 -15.30 5.98
N ALA B 209 -13.59 -16.21 6.83
CA ALA B 209 -15.01 -16.31 7.15
C ALA B 209 -15.12 -16.58 8.65
N PRO B 210 -14.90 -15.52 9.47
CA PRO B 210 -14.94 -15.66 10.91
C PRO B 210 -16.37 -15.87 11.41
N SER B 211 -16.50 -16.74 12.41
CA SER B 211 -17.78 -16.99 13.09
C SER B 211 -17.65 -16.64 14.59
N THR B 212 -16.67 -15.81 14.90
CA THR B 212 -16.35 -15.38 16.26
C THR B 212 -17.62 -14.96 17.01
N ASN B 213 -17.86 -15.58 18.16
CA ASN B 213 -18.97 -15.17 19.01
C ASN B 213 -18.79 -13.72 19.43
N ILE B 214 -19.88 -12.97 19.47
CA ILE B 214 -19.84 -11.53 19.79
C ILE B 214 -19.18 -11.21 21.14
N ASN B 215 -19.29 -12.12 22.11
CA ASN B 215 -18.71 -11.92 23.44
C ASN B 215 -17.24 -12.30 23.55
N GLN B 216 -16.70 -12.86 22.47
CA GLN B 216 -15.29 -13.21 22.42
C GLN B 216 -14.49 -12.04 21.88
N LYS B 217 -13.47 -11.62 22.63
CA LYS B 217 -12.71 -10.40 22.33
C LYS B 217 -11.97 -10.47 20.99
N TYR B 218 -11.31 -11.59 20.72
CA TYR B 218 -10.51 -11.72 19.49
C TYR B 218 -10.92 -12.90 18.62
N GLY B 219 -11.00 -12.66 17.32
CA GLY B 219 -11.23 -13.71 16.34
C GLY B 219 -9.97 -13.92 15.53
N LEU B 220 -10.05 -13.62 14.24
CA LEU B 220 -8.93 -13.78 13.33
C LEU B 220 -8.13 -12.49 13.25
N VAL B 221 -6.87 -12.55 13.67
CA VAL B 221 -6.01 -11.37 13.68
C VAL B 221 -4.77 -11.62 12.81
N ILE B 222 -4.62 -10.84 11.75
CA ILE B 222 -3.52 -11.00 10.80
C ILE B 222 -2.57 -9.81 10.90
N THR B 223 -1.31 -10.07 11.26
CA THR B 223 -0.32 -9.02 11.47
C THR B 223 0.93 -9.19 10.62
N ASN B 224 1.46 -8.08 10.12
CA ASN B 224 2.77 -8.08 9.44
C ASN B 224 2.86 -9.15 8.36
N SER B 225 1.77 -9.31 7.60
CA SER B 225 1.68 -10.39 6.64
C SER B 225 1.58 -9.87 5.21
N ARG B 226 1.43 -10.80 4.27
CA ARG B 226 1.34 -10.48 2.86
C ARG B 226 0.17 -11.21 2.25
N VAL B 227 -0.78 -10.43 1.74
CA VAL B 227 -1.97 -10.95 1.08
C VAL B 227 -1.70 -10.90 -0.41
N ILE B 228 -1.44 -12.08 -0.99
CA ILE B 228 -0.89 -12.17 -2.33
C ILE B 228 -1.73 -13.04 -3.28
N ARG B 229 -1.67 -12.70 -4.56
CA ARG B 229 -2.29 -13.49 -5.62
C ARG B 229 -1.37 -14.64 -6.02
N GLU B 230 -1.97 -15.79 -6.31
CA GLU B 230 -1.24 -16.98 -6.73
C GLU B 230 -0.52 -16.79 -8.07
N SER B 231 -1.17 -16.07 -8.98
CA SER B 231 -0.68 -15.83 -10.33
C SER B 231 -1.30 -14.55 -10.86
N ASP B 232 -0.75 -14.02 -11.96
CA ASP B 232 -1.28 -12.83 -12.61
C ASP B 232 -2.66 -13.05 -13.24
N SER B 233 -3.07 -14.32 -13.33
CA SER B 233 -4.39 -14.67 -13.84
C SER B 233 -5.49 -14.46 -12.79
N VAL B 234 -5.10 -14.29 -11.54
CA VAL B 234 -6.05 -13.91 -10.50
C VAL B 234 -6.42 -12.45 -10.73
N PRO B 235 -7.69 -12.18 -11.11
CA PRO B 235 -8.09 -10.83 -11.54
C PRO B 235 -8.02 -9.80 -10.43
N ALA B 236 -7.88 -8.52 -10.81
CA ALA B 236 -8.06 -7.44 -9.85
C ALA B 236 -9.47 -7.51 -9.28
N LYS B 237 -9.61 -7.14 -8.02
CA LYS B 237 -10.91 -7.05 -7.32
C LYS B 237 -11.72 -8.35 -7.42
N SER B 238 -11.05 -9.48 -7.18
CA SER B 238 -11.69 -10.80 -7.26
C SER B 238 -11.81 -11.48 -5.90
N TYR B 239 -11.16 -10.90 -4.88
CA TYR B 239 -11.12 -11.50 -3.56
C TYR B 239 -11.53 -10.54 -2.45
N GLY B 240 -12.36 -11.04 -1.54
CA GLY B 240 -12.74 -10.30 -0.34
C GLY B 240 -11.82 -10.62 0.82
N LEU B 241 -11.59 -9.65 1.70
CA LEU B 241 -10.81 -9.87 2.91
C LEU B 241 -11.54 -10.78 3.89
N GLY B 242 -12.86 -10.77 3.82
CA GLY B 242 -13.69 -11.54 4.73
C GLY B 242 -15.16 -11.41 4.44
N ARG B 243 -15.91 -12.43 4.82
CA ARG B 243 -17.38 -12.37 4.87
C ARG B 243 -17.85 -13.02 6.17
N PRO B 244 -19.02 -12.61 6.69
CA PRO B 244 -19.39 -13.05 8.03
C PRO B 244 -20.09 -14.41 8.08
N TRP B 245 -19.38 -15.41 8.60
CA TRP B 245 -19.96 -16.75 8.70
C TRP B 245 -20.78 -16.88 9.98
N HIS B 246 -22.07 -17.09 9.81
CA HIS B 246 -22.96 -17.39 10.93
C HIS B 246 -23.37 -18.85 10.79
N PRO B 247 -22.63 -19.77 11.44
CA PRO B 247 -22.80 -21.20 11.17
C PRO B 247 -24.19 -21.68 11.54
N THR B 248 -24.72 -22.60 10.74
CA THR B 248 -25.93 -23.32 11.09
C THR B 248 -25.67 -24.02 12.42
N THR B 249 -26.55 -23.77 13.38
CA THR B 249 -26.34 -24.18 14.77
C THR B 249 -27.66 -24.67 15.36
N THR B 250 -27.59 -25.73 16.14
CA THR B 250 -28.77 -26.26 16.82
C THR B 250 -29.07 -25.44 18.08
N PHE B 251 -30.23 -24.82 18.08
CA PHE B 251 -30.75 -24.09 19.23
C PHE B 251 -32.04 -24.76 19.72
N SER B 252 -32.52 -24.29 20.87
CA SER B 252 -33.75 -24.83 21.44
C SER B 252 -34.94 -24.60 20.51
N ASP B 253 -34.89 -23.54 19.71
CA ASP B 253 -35.99 -23.23 18.77
C ASP B 253 -35.69 -23.59 17.32
N GLY B 254 -34.72 -24.48 17.11
CA GLY B 254 -34.42 -24.99 15.77
C GLY B 254 -32.97 -24.87 15.37
N ARG B 255 -32.68 -25.27 14.14
CA ARG B 255 -31.33 -25.29 13.60
C ARG B 255 -31.22 -24.26 12.48
N TYR B 256 -30.42 -23.22 12.70
CA TYR B 256 -30.31 -22.10 11.77
C TYR B 256 -29.02 -21.29 11.99
N ALA B 257 -28.78 -20.31 11.12
CA ALA B 257 -27.59 -19.46 11.22
C ALA B 257 -27.52 -18.72 12.56
N ASP B 258 -26.40 -18.91 13.26
CA ASP B 258 -26.20 -18.36 14.60
C ASP B 258 -26.16 -16.83 14.56
N PRO B 259 -27.16 -16.16 15.17
CA PRO B 259 -27.21 -14.69 15.12
C PRO B 259 -26.03 -14.00 15.84
N ASN B 260 -25.48 -14.67 16.84
CA ASN B 260 -24.42 -14.09 17.69
C ASN B 260 -23.00 -14.40 17.24
N ALA B 261 -22.88 -15.15 16.14
CA ALA B 261 -21.60 -15.38 15.51
C ALA B 261 -21.29 -14.19 14.61
N ILE B 262 -20.88 -13.09 15.26
CA ILE B 262 -20.56 -11.85 14.57
C ILE B 262 -19.04 -11.76 14.47
N GLY B 263 -18.53 -12.28 13.35
CA GLY B 263 -17.12 -12.57 13.20
C GLY B 263 -16.19 -11.38 13.22
N GLN B 264 -14.97 -11.59 13.71
CA GLN B 264 -13.93 -10.57 13.68
C GLN B 264 -12.78 -11.01 12.79
N THR B 265 -12.40 -10.13 11.88
CA THR B 265 -11.14 -10.26 11.14
C THR B 265 -10.50 -8.89 11.18
N VAL B 266 -9.26 -8.84 11.68
CA VAL B 266 -8.51 -7.59 11.73
C VAL B 266 -7.16 -7.77 11.07
N PHE B 267 -6.87 -6.91 10.10
CA PHE B 267 -5.57 -6.86 9.43
C PHE B 267 -4.78 -5.68 9.95
N LEU B 268 -3.54 -5.92 10.39
CA LEU B 268 -2.65 -4.85 10.81
C LEU B 268 -1.31 -4.95 10.08
N ASN B 269 -0.85 -3.81 9.55
CA ASN B 269 0.46 -3.72 8.88
C ASN B 269 0.68 -4.82 7.84
N THR B 270 -0.32 -5.04 6.99
CA THR B 270 -0.32 -6.14 6.04
C THR B 270 -0.40 -5.64 4.60
N SER B 271 0.43 -6.20 3.73
CA SER B 271 0.41 -5.84 2.31
C SER B 271 -0.71 -6.59 1.59
N MET B 272 -1.31 -5.95 0.61
CA MET B 272 -2.40 -6.54 -0.17
C MET B 272 -2.25 -6.16 -1.62
N ASP B 273 -2.22 -7.16 -2.51
CA ASP B 273 -2.25 -6.88 -3.94
C ASP B 273 -3.67 -6.50 -4.36
N ASN B 274 -3.82 -6.06 -5.60
CA ASN B 274 -5.07 -5.47 -6.05
C ASN B 274 -6.17 -6.48 -6.39
N HIS B 275 -5.91 -7.77 -6.14
CA HIS B 275 -6.98 -8.76 -6.22
C HIS B 275 -8.02 -8.54 -5.12
N ILE B 276 -7.64 -7.81 -4.07
CA ILE B 276 -8.52 -7.49 -2.95
C ILE B 276 -9.44 -6.31 -3.29
N TYR B 277 -10.74 -6.50 -3.13
CA TYR B 277 -11.71 -5.39 -3.32
C TYR B 277 -12.28 -4.80 -2.03
N GLY B 278 -12.07 -5.49 -0.91
CA GLY B 278 -12.62 -5.08 0.38
C GLY B 278 -13.34 -6.23 1.08
N TRP B 279 -14.38 -5.92 1.84
CA TRP B 279 -15.15 -6.92 2.58
C TRP B 279 -16.40 -7.33 1.80
N ASP B 280 -17.06 -8.40 2.24
CA ASP B 280 -18.28 -8.84 1.57
C ASP B 280 -19.32 -9.38 2.57
N LYS B 281 -20.54 -9.59 2.05
CA LYS B 281 -21.63 -10.17 2.81
C LYS B 281 -21.65 -11.71 2.64
N MET B 282 -22.46 -12.36 3.46
CA MET B 282 -22.66 -13.80 3.37
C MET B 282 -24.08 -14.13 3.82
N SER B 283 -24.66 -15.16 3.22
CA SER B 283 -26.02 -15.56 3.53
C SER B 283 -26.07 -16.86 4.34
N GLY B 284 -27.18 -17.02 5.06
CA GLY B 284 -27.50 -18.26 5.75
C GLY B 284 -29.00 -18.45 5.75
N LYS B 285 -29.47 -19.42 6.51
CA LYS B 285 -30.91 -19.61 6.70
C LYS B 285 -31.29 -19.21 8.13
N ASP B 286 -32.35 -18.42 8.26
CA ASP B 286 -32.80 -17.98 9.58
C ASP B 286 -33.73 -18.99 10.26
N LYS B 287 -34.25 -18.61 11.42
CA LYS B 287 -35.07 -19.50 12.24
C LYS B 287 -36.39 -19.90 11.58
N ASN B 288 -36.76 -19.18 10.51
CA ASN B 288 -37.98 -19.48 9.77
C ASN B 288 -37.73 -20.21 8.46
N GLY B 289 -36.46 -20.49 8.17
CA GLY B 289 -36.08 -21.15 6.93
C GLY B 289 -35.89 -20.20 5.75
N ASN B 290 -35.93 -18.91 6.00
CA ASN B 290 -35.70 -17.91 4.95
C ASN B 290 -34.24 -17.56 4.80
N THR B 291 -33.86 -17.17 3.58
CA THR B 291 -32.53 -16.62 3.34
C THR B 291 -32.36 -15.34 4.18
N ILE B 292 -31.22 -15.26 4.86
CA ILE B 292 -30.85 -14.07 5.63
C ILE B 292 -29.44 -13.64 5.23
N TRP B 293 -29.23 -12.35 5.04
CA TRP B 293 -27.91 -11.83 4.70
C TRP B 293 -27.23 -11.15 5.88
N PHE B 294 -25.96 -11.48 6.08
CA PHE B 294 -25.15 -10.86 7.12
C PHE B 294 -24.12 -9.94 6.48
N ASN B 295 -24.14 -8.68 6.90
CA ASN B 295 -23.40 -7.62 6.21
C ASN B 295 -22.07 -7.29 6.87
N PRO B 296 -21.04 -6.95 6.07
CA PRO B 296 -19.73 -6.62 6.62
C PRO B 296 -19.74 -5.43 7.57
N GLU B 297 -20.60 -4.44 7.30
CA GLU B 297 -20.70 -3.24 8.15
C GLU B 297 -21.22 -3.56 9.55
N ASP B 298 -21.92 -4.69 9.69
CA ASP B 298 -22.44 -5.16 10.98
C ASP B 298 -21.50 -6.15 11.65
N SER B 299 -20.38 -6.42 10.99
CA SER B 299 -19.39 -7.38 11.47
C SER B 299 -18.15 -6.65 11.98
N ARG B 300 -17.29 -7.38 12.66
CA ARG B 300 -16.08 -6.78 13.24
C ARG B 300 -14.89 -6.89 12.28
N PHE B 301 -14.99 -6.15 11.17
CA PHE B 301 -14.02 -6.19 10.09
C PHE B 301 -13.20 -4.90 10.05
N PHE B 302 -11.92 -4.97 10.37
CA PHE B 302 -11.09 -3.77 10.44
C PHE B 302 -9.72 -3.93 9.81
N GLU B 303 -9.15 -2.80 9.39
CA GLU B 303 -7.76 -2.75 8.96
C GLU B 303 -6.99 -1.69 9.74
N TYR B 304 -5.67 -1.86 9.79
CA TYR B 304 -4.77 -0.84 10.30
C TYR B 304 -3.50 -0.82 9.45
N LYS B 305 -3.25 0.33 8.81
CA LYS B 305 -2.05 0.55 8.00
C LYS B 305 -1.75 -0.56 6.97
N SER B 306 -2.81 -0.97 6.25
CA SER B 306 -2.63 -1.86 5.11
C SER B 306 -1.86 -1.10 4.03
N TYR B 307 -1.07 -1.81 3.24
CA TYR B 307 -0.37 -1.20 2.10
C TYR B 307 -0.43 -2.11 0.87
N GLY B 308 0.11 -1.65 -0.25
CA GLY B 308 -0.02 -2.35 -1.52
C GLY B 308 -1.26 -1.90 -2.28
N ALA B 309 -1.41 -2.41 -3.51
CA ALA B 309 -2.44 -1.93 -4.44
C ALA B 309 -3.86 -2.31 -4.02
N GLY B 310 -3.99 -3.30 -3.17
CA GLY B 310 -5.28 -3.72 -2.65
C GLY B 310 -5.71 -2.97 -1.40
N ALA B 311 -4.86 -2.06 -0.92
CA ALA B 311 -5.09 -1.34 0.32
C ALA B 311 -5.72 0.02 0.08
N THR B 312 -7.00 0.03 -0.28
CA THR B 312 -7.72 1.27 -0.51
C THR B 312 -8.48 1.70 0.74
N VAL B 313 -8.69 2.99 0.87
CA VAL B 313 -9.30 3.56 2.06
C VAL B 313 -10.63 4.19 1.68
N SER B 314 -11.69 3.67 2.29
CA SER B 314 -13.03 4.24 2.16
C SER B 314 -13.91 3.78 3.30
N LYS B 315 -15.02 4.51 3.47
CA LYS B 315 -16.10 4.17 4.38
C LYS B 315 -16.41 2.67 4.54
N ASP B 316 -16.35 1.90 3.45
CA ASP B 316 -16.66 0.46 3.47
C ASP B 316 -15.52 -0.37 4.05
N ARG B 317 -14.39 0.29 4.32
CA ARG B 317 -13.23 -0.35 4.90
C ARG B 317 -12.75 0.43 6.11
N ARG B 318 -13.35 0.09 7.25
CA ARG B 318 -13.08 0.78 8.52
C ARG B 318 -11.64 0.60 8.99
N GLN B 319 -11.12 1.65 9.59
CA GLN B 319 -9.72 1.71 10.01
C GLN B 319 -9.63 1.84 11.52
N LEU B 320 -8.67 1.14 12.12
CA LEU B 320 -8.38 1.29 13.55
C LEU B 320 -7.58 2.56 13.76
N THR B 321 -7.81 3.21 14.91
CA THR B 321 -6.93 4.28 15.38
C THR B 321 -5.66 3.65 15.92
N ASP B 322 -4.62 4.46 16.14
CA ASP B 322 -3.38 4.01 16.77
C ASP B 322 -3.65 3.33 18.12
N ALA B 323 -4.52 3.95 18.92
CA ALA B 323 -4.87 3.43 20.24
C ALA B 323 -5.59 2.08 20.16
N GLN B 324 -6.49 1.94 19.18
CA GLN B 324 -7.19 0.67 18.95
C GLN B 324 -6.25 -0.42 18.44
N ALA B 325 -5.30 -0.06 17.59
CA ALA B 325 -4.30 -0.98 17.06
C ALA B 325 -3.46 -1.61 18.16
N ALA B 326 -3.21 -0.83 19.22
CA ALA B 326 -2.43 -1.30 20.37
C ALA B 326 -3.12 -2.45 21.13
N GLU B 327 -4.40 -2.67 20.86
CA GLU B 327 -5.16 -3.77 21.47
C GLU B 327 -4.94 -5.11 20.77
N TYR B 328 -4.21 -5.08 19.66
CA TYR B 328 -3.99 -6.28 18.84
C TYR B 328 -2.53 -6.77 18.81
N THR B 329 -1.82 -6.52 19.91
CA THR B 329 -0.48 -7.09 20.09
C THR B 329 -0.61 -8.58 20.39
N GLN B 330 0.48 -9.33 20.19
CA GLN B 330 0.49 -10.75 20.50
C GLN B 330 0.10 -11.01 21.96
N SER B 331 0.65 -10.19 22.86
CA SER B 331 0.36 -10.27 24.30
C SER B 331 -1.12 -10.17 24.59
N LYS B 332 -1.78 -9.21 23.96
CA LYS B 332 -3.21 -8.97 24.15
C LYS B 332 -4.05 -10.11 23.54
N VAL B 333 -3.69 -10.52 22.33
CA VAL B 333 -4.48 -11.49 21.57
C VAL B 333 -4.41 -12.89 22.18
N LEU B 334 -3.22 -13.28 22.65
CA LEU B 334 -3.00 -14.63 23.15
C LEU B 334 -3.06 -14.77 24.68
N GLY B 335 -3.22 -13.64 25.37
CA GLY B 335 -3.34 -13.63 26.82
C GLY B 335 -2.10 -14.17 27.52
N ASP B 336 -2.31 -15.13 28.42
CA ASP B 336 -1.21 -15.65 29.24
C ASP B 336 -0.36 -16.72 28.53
N TRP B 337 -0.68 -16.99 27.27
CA TRP B 337 0.04 -18.00 26.51
C TRP B 337 1.14 -17.41 25.64
N THR B 338 2.37 -17.85 25.89
CA THR B 338 3.50 -17.53 25.04
C THR B 338 3.87 -18.76 24.22
N PRO B 339 3.58 -18.74 22.91
CA PRO B 339 3.87 -19.89 22.07
C PRO B 339 5.38 -20.17 22.04
N THR B 340 5.76 -21.39 22.38
CA THR B 340 7.15 -21.81 22.35
C THR B 340 7.28 -23.19 21.74
N LEU B 341 8.40 -23.44 21.07
CA LEU B 341 8.70 -24.75 20.51
C LEU B 341 9.60 -25.53 21.47
N PRO B 342 9.57 -26.88 21.37
CA PRO B 342 10.40 -27.73 22.23
C PRO B 342 11.89 -27.52 22.00
C1 ADA C . 0.42 12.00 -29.73
C2 ADA C . 0.19 12.42 -28.26
C3 ADA C . 0.69 13.83 -27.95
C4 ADA C . 2.08 14.10 -28.56
C5 ADA C . 2.05 13.76 -30.04
C6 ADA C . 3.35 14.10 -30.70
O1 ADA C . -0.59 12.58 -30.58
O2 ADA C . -1.20 12.32 -27.94
O3 ADA C . 0.68 14.05 -26.54
O4 ADA C . 3.10 13.33 -27.89
O5 ADA C . 1.74 12.37 -30.18
O6B ADA C . 3.47 15.24 -31.22
O6A ADA C . 4.27 13.25 -30.71
C1 M8C C . 4.12 14.17 -27.30
C2 M8C C . 5.63 14.44 -27.26
C3 M8C C . 6.25 13.69 -26.07
O4 M8C C . 5.68 15.44 -24.51
C5 M8C C . 4.03 13.76 -24.95
C6 M8C C . 3.29 14.11 -23.71
O6A M8C C . 2.45 15.01 -23.72
O6B M8C C . 3.58 13.37 -22.50
CH3 M8C C . 2.75 13.48 -21.35
O5 M8C C . 3.53 14.53 -26.04
C4 M8C C . 5.52 14.04 -24.78
O3 M8C C . 7.65 13.98 -25.99
O2 M8C C . 6.24 14.04 -28.49
C1 M8C C . 6.23 15.85 -23.23
C2 M8C C . 5.96 17.31 -22.89
C3 M8C C . 6.67 18.24 -23.86
O4 M8C C . 8.82 18.18 -22.68
C5 M8C C . 8.35 16.39 -24.22
C6 M8C C . 9.81 16.01 -24.19
O6A M8C C . 10.31 15.46 -23.22
O6B M8C C . 10.63 16.32 -25.35
CH3 M8C C . 12.01 16.00 -25.35
O5 M8C C . 7.65 15.59 -23.27
C4 M8C C . 8.16 17.87 -23.92
O3 M8C C . 6.47 19.62 -23.49
O2 M8C C . 4.55 17.57 -22.93
C1 M8C C . 9.45 19.48 -22.60
C2 M8C C . 10.91 19.60 -23.01
C3 M8C C . 11.78 18.84 -22.01
O4 M8C C . 11.88 20.77 -20.56
C5 M8C C . 10.04 19.29 -20.29
C6 M8C C . 9.76 19.90 -18.96
O6A M8C C . 8.73 20.53 -18.76
O6B M8C C . 10.72 19.71 -17.90
CH3 M8C C . 10.58 20.43 -16.68
O5 M8C C . 9.28 19.98 -21.28
C4 M8C C . 11.53 19.38 -20.61
O3 M8C C . 13.16 18.95 -22.38
O2 M8C C . 11.06 19.06 -24.31
C1 ADA C . 12.91 21.20 -19.65
C2 ADA C . 12.77 22.72 -19.49
C3 ADA C . 13.13 23.42 -20.80
C4 ADA C . 14.54 23.00 -21.22
C5 ADA C . 14.62 21.48 -21.35
C6 ADA C . 16.02 21.06 -21.69
O2 ADA C . 11.42 23.06 -19.13
O3 ADA C . 13.02 24.85 -20.68
O4 ADA C . 15.50 23.43 -20.25
O5 ADA C . 14.19 20.80 -20.15
O6B ADA C . 16.56 21.56 -22.69
O6A ADA C . 16.59 20.22 -20.96
C1 ADA C . 16.60 24.36 -20.34
C2 ADA C . 17.76 24.12 -19.38
C3 ADA C . 17.38 24.49 -17.95
C4 ADA C . 16.76 25.88 -17.87
C5 ADA C . 15.63 26.02 -18.89
C6 ADA C . 15.04 27.41 -18.88
O2 ADA C . 18.13 22.74 -19.42
O3 ADA C . 18.53 24.41 -17.09
O4 ADA C . 17.78 26.87 -18.11
O5 ADA C . 16.11 25.70 -20.21
O6B ADA C . 14.80 27.96 -17.78
O6A ADA C . 14.81 27.98 -19.98
C1 ADA D . -21.93 -17.31 -11.42
C2 ADA D . -20.61 -17.53 -10.67
C3 ADA D . -20.61 -18.77 -9.77
C4 ADA D . -21.93 -19.02 -9.01
C5 ADA D . -23.14 -18.76 -9.92
C6 ADA D . -24.42 -18.84 -9.14
O1 ADA D . -22.04 -18.19 -12.55
O2 ADA D . -19.52 -17.60 -11.61
O3 ADA D . -19.52 -18.67 -8.85
O4 ADA D . -22.02 -18.25 -7.80
O5 ADA D . -23.04 -17.46 -10.52
O6B ADA D . -25.02 -19.94 -9.12
O6A ADA D . -24.83 -17.82 -8.55
C1 M8C D . -22.01 -19.03 -6.58
C2 M8C D . -22.75 -19.24 -5.26
C3 M8C D . -22.35 -18.12 -4.29
O4 M8C D . -20.48 -19.48 -3.54
C5 M8C D . -20.16 -18.03 -5.44
C6 M8C D . -18.67 -18.09 -5.26
O6A M8C D . -18.02 -19.00 -5.74
O6B M8C D . -18.04 -17.04 -4.49
CH3 M8C D . -16.62 -16.87 -4.47
O5 M8C D . -20.60 -19.05 -6.32
C4 M8C D . -20.84 -18.19 -4.08
O3 M8C D . -23.05 -18.22 -3.05
O2 M8C D . -24.16 -19.25 -5.47
C1 M8C D . -19.79 -19.49 -2.27
C2 M8C D . -19.15 -20.86 -2.06
C3 M8C D . -20.21 -21.95 -1.88
O4 M8C D . -20.62 -21.61 0.50
C5 M8C D . -21.74 -20.13 -1.06
C6 M8C D . -22.66 -19.67 0.03
O6A M8C D . -22.26 -18.88 0.86
O6B M8C D . -24.02 -20.19 0.07
CH3 M8C D . -24.85 -19.91 1.19
O5 M8C D . -20.66 -19.19 -1.17
C4 M8C D . -21.22 -21.55 -0.80
O3 M8C D . -19.63 -23.23 -1.60
O2 M8C D . -18.32 -21.13 -3.19
C1 M8C D . -20.60 -22.83 1.28
C2 M8C D . -21.79 -22.89 2.23
C3 M8C D . -21.61 -21.86 3.33
O4 M8C D . -20.26 -23.41 4.61
C5 M8C D . -19.15 -22.02 3.02
C6 M8C D . -17.82 -22.33 3.65
O6A M8C D . -16.96 -22.96 3.07
O6B M8C D . -17.57 -21.85 4.99
CH3 M8C D . -16.41 -22.32 5.68
O5 M8C D . -19.36 -22.97 1.98
C4 M8C D . -20.27 -22.10 4.04
O3 M8C D . -22.71 -21.95 4.25
O2 M8C D . -23.00 -22.63 1.52
C1 ADA D . -20.04 -23.65 6.01
C2 ADA D . -19.63 -25.10 6.27
C3 ADA D . -20.77 -26.05 6.00
C4 ADA D . -21.99 -25.65 6.84
C5 ADA D . -22.35 -24.19 6.52
C6 ADA D . -23.50 -23.75 7.37
O2 ADA D . -18.51 -25.43 5.44
O3 ADA D . -20.40 -27.41 6.27
O4 ADA D . -21.72 -25.76 8.24
O5 ADA D . -21.24 -23.31 6.74
O6B ADA D . -24.57 -24.41 7.29
O6A ADA D . -23.35 -22.76 8.11
C1 ADA D . -22.36 -26.64 9.18
C2 ADA D . -22.29 -26.13 10.62
C3 ADA D . -20.86 -26.13 11.15
C4 ADA D . -20.20 -27.50 10.93
C5 ADA D . -20.30 -27.90 9.45
C6 ADA D . -19.68 -29.25 9.18
O2 ADA D . -22.82 -24.80 10.67
O3 ADA D . -20.84 -25.80 12.55
O4 ADA D . -20.87 -28.48 11.72
O5 ADA D . -21.67 -27.89 9.03
O6B ADA D . -18.54 -29.49 9.60
O6A ADA D . -20.35 -30.08 8.51
#